data_3DDU
#
_entry.id   3DDU
#
_cell.length_a   71.221
_cell.length_b   99.883
_cell.length_c   111.853
_cell.angle_alpha   90.000
_cell.angle_beta   90.000
_cell.angle_gamma   90.000
#
_symmetry.space_group_name_H-M   'P 21 21 21'
#
loop_
_entity.id
_entity.type
_entity.pdbx_description
1 polymer 'Prolyl endopeptidase'
2 non-polymer 'ACETATE ION'
3 non-polymer (6S)-1-chloro-3-[(4-fluorobenzyl)oxy]-6-(pyrrolidin-1-ylcarbonyl)pyrrolo[1,2-a]pyrazin-4(6H)-one
4 non-polymer GLYCEROL
5 water water
#
_entity_poly.entity_id   1
_entity_poly.type   'polypeptide(L)'
_entity_poly.pdbx_seq_one_letter_code
;LSFQYPDVYRDETAVQDYHGHKICDPYAWLEDPDSEQTKAFVEAQNKITVPFLEQCPIRGLYKERMTELYDYPKYSCHFK
KGKRYFYFYNTGLQNQRVLYVQDSLEGEARVFLDPNILSDDGTVALRGYAFSEDGEYFAYGLSASGSDWVTIKFMKVDGA
KELPDVLERVKFSCMAWTHDGKGMFYNSYPQQDGKSDGTETSTNLHQKLYYHVLGTDQSEDILCAEFPDEPKWMGGAELS
DDGRYVLLSIREGCDPVNRLWYCDLQQESSGIAGILKWVKLIDNFEGEYDYVTNEGTVFTFKTNRHSPNYRVINIDFTDP
EESKWKVLVPEHEKDVLEWIACVRSNFLVLCYLHDVKNTLQLHDLTTGALLKIFPLDVGSIVGYSGQKKDTEIFYQFTSF
LSPGIIYHCDLTKEELEPRVFREVTVKGIDASDYQTVQIFYPSKDGTKIPMFIVHKKGIKLDGSHPAFLYGYGGFNISIT
PNYSVSRLIFVRHMGGILAVANIRGGGEYGETWHKGGILANKQNCFDDFQCAAEYLIKEGYTSPKRLTINGGSNGGLLVA
ACANQRPDLFGCVIAQVGVMDMLKFHKYTIGHAWTTDYGCSDSKQHFEWLVKYSPLHNVKLPEADDIQYPSMLLLTADHD
DRVVPLHSLKFIATLQYIVGRSRKQNNPLLIHVDTKAGHGAGKPTAKVIEEVSDMFAFIARCLNVDWIP
;
_entity_poly.pdbx_strand_id   A
#
# COMPACT_ATOMS: atom_id res chain seq x y z
N LEU A 1 -3.67 13.92 -33.93
CA LEU A 1 -2.86 12.93 -33.17
C LEU A 1 -2.20 11.94 -34.13
N SER A 2 -1.10 11.34 -33.70
CA SER A 2 -0.35 10.39 -34.52
C SER A 2 -1.10 9.08 -34.75
N PHE A 3 -2.21 8.88 -34.03
CA PHE A 3 -2.98 7.63 -34.07
C PHE A 3 -4.50 7.91 -34.08
N GLN A 4 -5.28 6.84 -34.23
CA GLN A 4 -6.74 6.87 -34.17
C GLN A 4 -7.23 6.05 -32.97
N TYR A 5 -8.22 6.55 -32.23
CA TYR A 5 -8.78 5.78 -31.10
C TYR A 5 -9.56 4.57 -31.61
N PRO A 6 -9.49 3.44 -30.89
CA PRO A 6 -10.23 2.23 -31.29
C PRO A 6 -11.74 2.42 -31.30
N ASP A 7 -12.39 1.64 -32.15
CA ASP A 7 -13.85 1.46 -32.11
C ASP A 7 -14.18 0.78 -30.81
N VAL A 8 -15.18 1.32 -30.11
CA VAL A 8 -15.65 0.73 -28.86
C VAL A 8 -17.17 0.83 -28.77
N TYR A 9 -17.82 -0.32 -28.81
CA TYR A 9 -19.27 -0.35 -28.82
C TYR A 9 -19.89 0.27 -27.56
N ARG A 10 -20.93 1.08 -27.75
CA ARG A 10 -21.72 1.63 -26.66
C ARG A 10 -23.04 0.90 -26.54
N ASP A 11 -23.25 0.22 -25.43
CA ASP A 11 -24.54 -0.39 -25.16
C ASP A 11 -25.44 0.70 -24.54
N GLU A 12 -26.19 1.38 -25.40
CA GLU A 12 -27.03 2.49 -24.94
C GLU A 12 -28.26 2.01 -24.18
N THR A 13 -28.48 0.70 -24.15
CA THR A 13 -29.60 0.12 -23.37
C THR A 13 -29.25 -0.13 -21.90
N ALA A 14 -27.96 -0.09 -21.57
CA ALA A 14 -27.50 -0.43 -20.22
C ALA A 14 -27.76 0.72 -19.25
N VAL A 15 -28.71 0.51 -18.34
CA VAL A 15 -29.09 1.51 -17.36
C VAL A 15 -29.27 0.82 -16.01
N GLN A 16 -28.78 1.47 -14.96
CA GLN A 16 -28.97 1.02 -13.59
C GLN A 16 -29.80 2.10 -12.87
N ASP A 17 -30.73 1.70 -12.02
CA ASP A 17 -31.50 2.66 -11.23
C ASP A 17 -30.97 2.67 -9.81
N TYR A 18 -30.53 3.84 -9.37
CA TYR A 18 -30.02 4.04 -8.03
C TYR A 18 -31.00 4.92 -7.26
N HIS A 19 -31.91 4.30 -6.53
CA HIS A 19 -32.86 5.06 -5.70
C HIS A 19 -33.64 6.09 -6.53
N GLY A 20 -34.03 5.68 -7.73
CA GLY A 20 -34.71 6.59 -8.67
C GLY A 20 -33.81 7.35 -9.62
N HIS A 21 -32.50 7.37 -9.36
CA HIS A 21 -31.54 8.08 -10.21
C HIS A 21 -31.02 7.09 -11.26
N LYS A 22 -31.27 7.39 -12.53
CA LYS A 22 -30.85 6.53 -13.64
C LYS A 22 -29.44 6.85 -14.08
N ILE A 23 -28.62 5.81 -14.19
CA ILE A 23 -27.24 5.94 -14.65
C ILE A 23 -27.07 5.02 -15.86
N CYS A 24 -26.60 5.59 -16.97
CA CYS A 24 -26.29 4.81 -18.15
C CYS A 24 -24.85 4.33 -18.07
N ASP A 25 -24.63 3.06 -18.39
CA ASP A 25 -23.30 2.45 -18.33
C ASP A 25 -23.00 1.74 -19.65
N PRO A 26 -22.76 2.51 -20.72
CA PRO A 26 -22.63 1.92 -22.05
C PRO A 26 -21.44 0.99 -22.24
N TYR A 27 -20.44 1.06 -21.35
CA TYR A 27 -19.29 0.17 -21.39
C TYR A 27 -19.30 -0.88 -20.28
N ALA A 28 -20.49 -1.19 -19.75
CA ALA A 28 -20.62 -2.22 -18.71
C ALA A 28 -20.03 -3.55 -19.15
N TRP A 29 -20.07 -3.84 -20.44
CA TRP A 29 -19.56 -5.10 -20.97
C TRP A 29 -18.06 -5.28 -20.75
N LEU A 30 -17.34 -4.18 -20.54
CA LEU A 30 -15.90 -4.30 -20.25
C LEU A 30 -15.65 -4.87 -18.86
N GLU A 31 -16.72 -5.08 -18.07
CA GLU A 31 -16.61 -5.75 -16.77
C GLU A 31 -16.30 -7.24 -16.89
N ASP A 32 -16.46 -7.81 -18.08
CA ASP A 32 -16.15 -9.22 -18.31
C ASP A 32 -14.77 -9.33 -18.88
N PRO A 33 -13.78 -9.74 -18.07
CA PRO A 33 -12.41 -9.78 -18.58
C PRO A 33 -12.15 -10.88 -19.61
N ASP A 34 -13.07 -11.84 -19.70
CA ASP A 34 -12.86 -13.04 -20.50
C ASP A 34 -13.48 -13.00 -21.90
N SER A 35 -14.26 -11.97 -22.19
CA SER A 35 -14.96 -11.92 -23.47
C SER A 35 -14.02 -11.55 -24.60
N GLU A 36 -14.38 -11.98 -25.80
CA GLU A 36 -13.62 -11.60 -26.99
C GLU A 36 -13.65 -10.08 -27.18
N GLN A 37 -14.78 -9.46 -26.83
CA GLN A 37 -14.97 -8.02 -26.94
C GLN A 37 -13.97 -7.27 -26.04
N THR A 38 -13.87 -7.69 -24.79
CA THR A 38 -12.97 -7.03 -23.84
C THR A 38 -11.50 -7.29 -24.22
N LYS A 39 -11.18 -8.52 -24.62
CA LYS A 39 -9.81 -8.82 -25.04
C LYS A 39 -9.43 -7.98 -26.27
N ALA A 40 -10.36 -7.83 -27.21
CA ALA A 40 -10.10 -7.02 -28.39
C ALA A 40 -9.88 -5.54 -28.03
N PHE A 41 -10.64 -5.04 -27.06
CA PHE A 41 -10.51 -3.68 -26.57
C PHE A 41 -9.10 -3.45 -25.99
N VAL A 42 -8.66 -4.34 -25.14
CA VAL A 42 -7.37 -4.19 -24.51
C VAL A 42 -6.26 -4.20 -25.56
N GLU A 43 -6.33 -5.12 -26.52
N GLU A 43 -6.34 -5.14 -26.51
CA GLU A 43 -5.29 -5.22 -27.52
CA GLU A 43 -5.31 -5.24 -27.56
C GLU A 43 -5.22 -3.98 -28.39
C GLU A 43 -5.23 -3.97 -28.37
N ALA A 44 -6.38 -3.47 -28.80
CA ALA A 44 -6.43 -2.25 -29.62
C ALA A 44 -5.89 -1.05 -28.86
N GLN A 45 -6.18 -0.96 -27.57
CA GLN A 45 -5.70 0.16 -26.77
C GLN A 45 -4.18 0.10 -26.61
N ASN A 46 -3.66 -1.06 -26.27
CA ASN A 46 -2.21 -1.23 -26.13
C ASN A 46 -1.48 -0.91 -27.43
N LYS A 47 -2.13 -1.23 -28.55
CA LYS A 47 -1.52 -1.03 -29.87
C LYS A 47 -1.37 0.44 -30.26
N ILE A 48 -2.14 1.35 -29.65
CA ILE A 48 -1.90 2.78 -29.84
C ILE A 48 -0.95 3.35 -28.77
N THR A 49 -1.04 2.85 -27.53
CA THR A 49 -0.25 3.40 -26.44
C THR A 49 1.22 3.08 -26.58
N VAL A 50 1.54 1.84 -26.94
CA VAL A 50 2.93 1.41 -26.93
C VAL A 50 3.78 2.20 -27.96
N PRO A 51 3.33 2.32 -29.22
CA PRO A 51 4.09 3.17 -30.16
C PRO A 51 4.17 4.64 -29.75
N PHE A 52 3.15 5.15 -29.08
CA PHE A 52 3.16 6.54 -28.66
C PHE A 52 4.30 6.76 -27.67
N LEU A 53 4.44 5.86 -26.71
CA LEU A 53 5.48 5.97 -25.69
C LEU A 53 6.85 5.68 -26.27
N GLU A 54 6.95 4.64 -27.08
CA GLU A 54 8.26 4.18 -27.54
C GLU A 54 8.86 5.10 -28.58
N GLN A 55 8.03 5.89 -29.27
CA GLN A 55 8.49 6.91 -30.23
C GLN A 55 9.17 8.09 -29.56
N CYS A 56 8.91 8.30 -28.27
CA CYS A 56 9.54 9.40 -27.56
C CYS A 56 11.03 9.08 -27.34
N PRO A 57 11.94 9.92 -27.87
CA PRO A 57 13.36 9.60 -27.71
C PRO A 57 13.85 9.64 -26.27
N ILE A 58 13.10 10.31 -25.40
CA ILE A 58 13.46 10.38 -24.00
C ILE A 58 13.31 9.02 -23.33
N ARG A 59 12.41 8.15 -23.83
CA ARG A 59 12.16 6.89 -23.13
C ARG A 59 13.43 6.06 -22.97
N GLY A 60 14.21 5.92 -24.03
CA GLY A 60 15.41 5.10 -23.98
C GLY A 60 16.48 5.69 -23.09
N LEU A 61 16.58 7.02 -23.11
CA LEU A 61 17.52 7.73 -22.26
C LEU A 61 17.14 7.55 -20.79
N TYR A 62 15.85 7.71 -20.50
CA TYR A 62 15.34 7.53 -19.16
C TYR A 62 15.58 6.09 -18.68
N LYS A 63 15.24 5.12 -19.52
CA LYS A 63 15.39 3.70 -19.18
C LYS A 63 16.85 3.36 -18.88
N GLU A 64 17.76 3.84 -19.70
CA GLU A 64 19.17 3.59 -19.47
C GLU A 64 19.62 4.18 -18.14
N ARG A 65 19.21 5.41 -17.86
CA ARG A 65 19.63 6.08 -16.63
C ARG A 65 19.03 5.40 -15.41
N MET A 66 17.78 4.98 -15.52
CA MET A 66 17.12 4.28 -14.42
C MET A 66 17.82 2.96 -14.13
N THR A 67 18.16 2.23 -15.20
CA THR A 67 18.85 0.93 -15.06
C THR A 67 20.22 1.10 -14.39
N GLU A 68 20.92 2.19 -14.70
CA GLU A 68 22.20 2.48 -14.09
C GLU A 68 22.06 2.86 -12.62
N LEU A 69 21.17 3.80 -12.35
CA LEU A 69 21.10 4.40 -11.03
C LEU A 69 20.36 3.53 -10.03
N TYR A 70 19.41 2.74 -10.50
CA TYR A 70 18.69 1.81 -9.60
C TYR A 70 19.55 0.60 -9.23
N ASP A 71 20.68 0.42 -9.92
CA ASP A 71 21.56 -0.71 -9.69
C ASP A 71 22.51 -0.41 -8.53
N TYR A 72 21.99 -0.54 -7.33
CA TYR A 72 22.79 -0.42 -6.13
C TYR A 72 22.27 -1.47 -5.13
N PRO A 73 23.14 -1.91 -4.22
CA PRO A 73 22.75 -2.98 -3.28
C PRO A 73 21.65 -2.53 -2.33
N LYS A 74 20.65 -3.38 -2.14
CA LYS A 74 19.51 -3.07 -1.31
C LYS A 74 19.39 -4.15 -0.23
N TYR A 75 19.64 -3.80 1.02
CA TYR A 75 19.50 -4.75 2.12
C TYR A 75 18.29 -4.39 2.96
N SER A 76 17.70 -5.42 3.58
CA SER A 76 16.70 -5.23 4.64
C SER A 76 17.40 -5.32 6.00
N CYS A 77 16.67 -5.00 7.06
CA CYS A 77 17.12 -5.30 8.41
C CYS A 77 17.41 -6.77 8.56
N HIS A 78 18.44 -7.09 9.32
CA HIS A 78 18.63 -8.45 9.81
C HIS A 78 17.55 -8.72 10.87
N PHE A 79 17.19 -9.99 11.02
CA PHE A 79 16.35 -10.42 12.12
C PHE A 79 16.74 -11.81 12.55
N LYS A 80 16.65 -12.07 13.86
CA LYS A 80 17.05 -13.34 14.42
C LYS A 80 15.83 -14.22 14.62
N LYS A 81 15.94 -15.48 14.22
CA LYS A 81 14.93 -16.51 14.48
C LYS A 81 15.64 -17.75 14.95
N GLY A 82 15.31 -18.19 16.16
CA GLY A 82 16.07 -19.23 16.81
C GLY A 82 17.52 -18.81 16.92
N LYS A 83 18.44 -19.70 16.54
CA LYS A 83 19.86 -19.44 16.65
C LYS A 83 20.46 -18.79 15.40
N ARG A 84 19.63 -18.45 14.42
CA ARG A 84 20.14 -17.94 13.14
C ARG A 84 19.65 -16.53 12.85
N TYR A 85 20.41 -15.80 12.03
CA TYR A 85 19.99 -14.51 11.51
C TYR A 85 19.57 -14.62 10.05
N PHE A 86 18.61 -13.79 9.67
CA PHE A 86 18.10 -13.74 8.31
C PHE A 86 18.07 -12.29 7.84
N TYR A 87 18.13 -12.12 6.52
CA TYR A 87 17.92 -10.81 5.91
C TYR A 87 17.64 -10.97 4.44
N PHE A 88 16.91 -10.01 3.89
CA PHE A 88 16.73 -9.92 2.45
C PHE A 88 17.80 -9.03 1.82
N TYR A 89 18.17 -9.35 0.59
CA TYR A 89 19.18 -8.59 -0.13
C TYR A 89 18.96 -8.72 -1.63
N ASN A 90 19.09 -7.60 -2.33
CA ASN A 90 19.09 -7.56 -3.79
C ASN A 90 20.44 -6.98 -4.18
N THR A 91 21.17 -7.70 -5.03
CA THR A 91 22.48 -7.22 -5.46
C THR A 91 22.38 -5.91 -6.26
N GLY A 92 21.20 -5.63 -6.83
CA GLY A 92 20.99 -4.37 -7.52
C GLY A 92 19.81 -4.44 -8.48
N LEU A 93 19.88 -5.36 -9.43
CA LEU A 93 18.90 -5.48 -10.49
C LEU A 93 18.20 -6.84 -10.53
N GLN A 94 18.33 -7.64 -9.48
CA GLN A 94 17.57 -8.88 -9.42
C GLN A 94 16.07 -8.55 -9.42
N ASN A 95 15.28 -9.38 -10.07
CA ASN A 95 13.85 -9.08 -10.13
C ASN A 95 13.17 -9.11 -8.77
N GLN A 96 13.59 -10.07 -7.94
CA GLN A 96 13.08 -10.24 -6.58
C GLN A 96 14.25 -10.30 -5.62
N ARG A 97 14.09 -9.70 -4.45
CA ARG A 97 15.11 -9.83 -3.42
C ARG A 97 15.13 -11.25 -2.88
N VAL A 98 16.29 -11.63 -2.35
CA VAL A 98 16.56 -13.00 -1.94
C VAL A 98 16.73 -13.02 -0.42
N LEU A 99 16.18 -14.05 0.21
CA LEU A 99 16.31 -14.24 1.66
C LEU A 99 17.58 -15.07 1.94
N TYR A 100 18.44 -14.52 2.80
CA TYR A 100 19.70 -15.14 3.22
C TYR A 100 19.63 -15.54 4.69
N VAL A 101 20.46 -16.53 5.04
CA VAL A 101 20.58 -17.03 6.41
C VAL A 101 22.06 -17.09 6.79
N GLN A 102 22.33 -16.82 8.07
CA GLN A 102 23.67 -17.02 8.63
C GLN A 102 23.56 -17.49 10.07
N ASP A 103 24.65 -18.05 10.60
CA ASP A 103 24.64 -18.60 11.96
C ASP A 103 25.02 -17.59 13.03
N SER A 104 25.52 -16.44 12.61
CA SER A 104 25.84 -15.34 13.50
C SER A 104 25.98 -14.09 12.63
N LEU A 105 26.03 -12.91 13.24
CA LEU A 105 26.27 -11.68 12.47
C LEU A 105 27.62 -11.67 11.73
N GLU A 106 28.61 -12.37 12.28
CA GLU A 106 29.93 -12.47 11.65
C GLU A 106 30.02 -13.64 10.66
N GLY A 107 29.00 -14.51 10.66
CA GLY A 107 29.06 -15.75 9.91
C GLY A 107 28.82 -15.58 8.43
N GLU A 108 29.30 -16.55 7.65
CA GLU A 108 29.11 -16.53 6.20
C GLU A 108 27.64 -16.76 5.90
N ALA A 109 27.05 -15.89 5.09
CA ALA A 109 25.67 -16.02 4.71
C ALA A 109 25.52 -16.98 3.54
N ARG A 110 24.37 -17.62 3.46
CA ARG A 110 24.01 -18.43 2.31
C ARG A 110 22.57 -18.17 1.89
N VAL A 111 22.25 -18.48 0.64
CA VAL A 111 20.90 -18.34 0.14
C VAL A 111 19.96 -19.26 0.90
N PHE A 112 18.86 -18.70 1.39
CA PHE A 112 17.83 -19.49 2.04
C PHE A 112 16.60 -19.68 1.14
N LEU A 113 16.11 -18.60 0.54
CA LEU A 113 14.97 -18.66 -0.37
C LEU A 113 15.16 -17.62 -1.46
N ASP A 114 15.32 -18.10 -2.69
CA ASP A 114 15.49 -17.28 -3.87
C ASP A 114 14.24 -17.36 -4.77
N PRO A 115 13.35 -16.35 -4.71
CA PRO A 115 12.16 -16.42 -5.55
C PRO A 115 12.45 -16.32 -7.05
N ASN A 116 13.62 -15.84 -7.43
CA ASN A 116 13.91 -15.64 -8.85
C ASN A 116 13.89 -16.92 -9.66
N ILE A 117 14.23 -18.03 -9.00
CA ILE A 117 14.24 -19.32 -9.70
C ILE A 117 12.86 -19.98 -9.81
N LEU A 118 11.81 -19.32 -9.33
CA LEU A 118 10.45 -19.83 -9.44
C LEU A 118 9.71 -19.33 -10.68
N SER A 119 10.36 -18.47 -11.47
CA SER A 119 9.81 -18.05 -12.76
C SER A 119 10.97 -17.69 -13.65
N ASP A 120 10.68 -17.27 -14.87
CA ASP A 120 11.72 -16.81 -15.79
C ASP A 120 11.69 -15.31 -16.00
N ASP A 121 10.66 -14.64 -15.47
CA ASP A 121 10.48 -13.20 -15.61
C ASP A 121 10.27 -12.52 -14.26
N GLY A 122 10.59 -13.22 -13.17
CA GLY A 122 10.48 -12.64 -11.83
C GLY A 122 9.07 -12.34 -11.36
N THR A 123 8.07 -13.02 -11.91
CA THR A 123 6.67 -12.72 -11.57
C THR A 123 6.06 -13.66 -10.54
N VAL A 124 6.88 -14.48 -9.89
CA VAL A 124 6.50 -15.15 -8.65
C VAL A 124 7.24 -14.43 -7.51
N ALA A 125 6.49 -13.99 -6.51
CA ALA A 125 7.02 -13.21 -5.42
C ALA A 125 6.56 -13.76 -4.09
N LEU A 126 7.38 -13.54 -3.07
CA LEU A 126 7.00 -13.81 -1.70
C LEU A 126 5.88 -12.86 -1.29
N ARG A 127 4.86 -13.38 -0.60
CA ARG A 127 3.80 -12.58 -0.04
C ARG A 127 3.42 -13.16 1.34
N GLY A 128 4.10 -12.66 2.35
CA GLY A 128 3.93 -13.13 3.72
C GLY A 128 4.83 -14.29 4.06
N TYR A 129 5.21 -14.36 5.32
CA TYR A 129 5.95 -15.51 5.85
C TYR A 129 5.87 -15.51 7.38
N ALA A 130 6.17 -16.65 7.96
CA ALA A 130 6.20 -16.81 9.40
C ALA A 130 7.13 -17.94 9.76
N PHE A 131 8.06 -17.64 10.66
CA PHE A 131 8.89 -18.67 11.30
C PHE A 131 8.19 -19.25 12.53
N SER A 132 8.40 -20.54 12.76
CA SER A 132 8.00 -21.16 14.01
C SER A 132 8.74 -20.47 15.16
N GLU A 133 8.16 -20.56 16.36
CA GLU A 133 8.73 -19.92 17.53
C GLU A 133 10.19 -20.29 17.77
N ASP A 134 10.54 -21.56 17.56
CA ASP A 134 11.93 -22.00 17.75
C ASP A 134 12.87 -21.69 16.58
N GLY A 135 12.30 -21.12 15.52
CA GLY A 135 13.07 -20.76 14.34
C GLY A 135 13.46 -21.91 13.44
N GLU A 136 12.98 -23.12 13.70
CA GLU A 136 13.43 -24.30 12.96
C GLU A 136 12.58 -24.63 11.73
N TYR A 137 11.40 -24.02 11.65
CA TYR A 137 10.48 -24.23 10.54
C TYR A 137 9.98 -22.88 10.01
N PHE A 138 9.59 -22.89 8.74
CA PHE A 138 9.34 -21.66 8.00
C PHE A 138 8.18 -21.87 7.05
N ALA A 139 7.17 -21.00 7.13
CA ALA A 139 6.07 -20.94 6.17
C ALA A 139 6.23 -19.67 5.35
N TYR A 140 5.90 -19.76 4.07
CA TYR A 140 5.97 -18.58 3.20
C TYR A 140 4.88 -18.62 2.16
N GLY A 141 4.35 -17.45 1.84
CA GLY A 141 3.35 -17.33 0.80
C GLY A 141 3.99 -16.98 -0.53
N LEU A 142 3.43 -17.53 -1.60
CA LEU A 142 3.83 -17.17 -2.96
C LEU A 142 2.65 -16.64 -3.73
N SER A 143 2.86 -15.53 -4.42
CA SER A 143 1.86 -14.98 -5.34
C SER A 143 2.42 -14.98 -6.75
N ALA A 144 1.57 -15.33 -7.72
CA ALA A 144 1.97 -15.36 -9.13
C ALA A 144 1.34 -14.19 -9.89
N SER A 145 2.12 -13.53 -10.72
CA SER A 145 1.64 -12.48 -11.62
C SER A 145 1.02 -11.30 -10.87
N GLY A 146 1.42 -11.13 -9.62
CA GLY A 146 0.98 -9.96 -8.86
C GLY A 146 -0.39 -10.07 -8.22
N SER A 147 -1.04 -11.22 -8.33
CA SER A 147 -2.32 -11.48 -7.68
C SER A 147 -2.21 -11.48 -6.16
N ASP A 148 -3.29 -11.07 -5.49
CA ASP A 148 -3.40 -11.21 -4.04
C ASP A 148 -3.52 -12.67 -3.59
N TRP A 149 -3.91 -13.58 -4.48
CA TRP A 149 -3.99 -15.00 -4.08
C TRP A 149 -2.61 -15.50 -3.69
N VAL A 150 -2.59 -16.34 -2.66
CA VAL A 150 -1.37 -16.91 -2.10
C VAL A 150 -1.47 -18.43 -2.05
N THR A 151 -0.33 -19.07 -2.32
CA THR A 151 -0.10 -20.47 -1.97
C THR A 151 0.93 -20.48 -0.84
N ILE A 152 0.61 -21.12 0.30
CA ILE A 152 1.58 -21.21 1.38
C ILE A 152 2.35 -22.51 1.29
N LYS A 153 3.67 -22.39 1.31
CA LYS A 153 4.57 -23.54 1.34
C LYS A 153 5.43 -23.51 2.59
N PHE A 154 6.16 -24.59 2.82
CA PHE A 154 6.86 -24.79 4.10
C PHE A 154 8.26 -25.36 3.88
N MET A 155 9.16 -24.97 4.78
CA MET A 155 10.54 -25.48 4.79
C MET A 155 10.99 -25.81 6.19
N LYS A 156 11.85 -26.82 6.30
CA LYS A 156 12.69 -27.00 7.49
C LYS A 156 13.91 -26.11 7.32
N VAL A 157 14.18 -25.27 8.30
CA VAL A 157 15.23 -24.25 8.16
C VAL A 157 16.62 -24.85 8.02
N ASP A 158 16.96 -25.82 8.88
CA ASP A 158 18.25 -26.51 8.82
C ASP A 158 18.32 -27.31 7.52
N GLY A 159 19.20 -26.89 6.62
CA GLY A 159 19.31 -27.48 5.29
C GLY A 159 18.39 -26.93 4.23
N ALA A 160 17.58 -25.93 4.60
CA ALA A 160 16.61 -25.31 3.71
C ALA A 160 15.83 -26.37 2.94
N LYS A 161 15.24 -27.30 3.68
CA LYS A 161 14.58 -28.46 3.08
C LYS A 161 13.10 -28.18 2.78
N GLU A 162 12.70 -28.34 1.53
CA GLU A 162 11.30 -28.23 1.15
C GLU A 162 10.47 -29.32 1.79
N LEU A 163 9.31 -28.95 2.35
CA LEU A 163 8.38 -29.90 2.93
C LEU A 163 7.17 -30.07 2.01
N PRO A 164 6.41 -31.16 2.18
CA PRO A 164 5.27 -31.41 1.30
C PRO A 164 4.07 -30.48 1.48
N ASP A 165 3.97 -29.84 2.63
CA ASP A 165 2.77 -29.11 3.02
C ASP A 165 2.50 -27.94 2.06
N VAL A 166 1.26 -27.86 1.57
CA VAL A 166 0.88 -26.77 0.68
C VAL A 166 -0.55 -26.33 1.02
N LEU A 167 -0.75 -25.03 1.19
CA LEU A 167 -2.07 -24.48 1.47
C LEU A 167 -2.52 -23.60 0.33
N GLU A 168 -3.70 -23.93 -0.20
CA GLU A 168 -4.33 -23.17 -1.30
C GLU A 168 -5.55 -22.38 -0.83
N ARG A 169 -6.04 -21.50 -1.70
CA ARG A 169 -7.19 -20.63 -1.45
C ARG A 169 -6.94 -19.59 -0.35
N VAL A 170 -5.68 -19.23 -0.17
CA VAL A 170 -5.26 -18.27 0.85
C VAL A 170 -5.27 -16.86 0.25
N LYS A 171 -5.89 -15.92 0.94
CA LYS A 171 -5.86 -14.52 0.57
C LYS A 171 -6.11 -13.67 1.82
N PHE A 172 -5.40 -12.55 1.94
CA PHE A 172 -5.53 -11.62 3.07
C PHE A 172 -5.39 -12.37 4.38
N SER A 173 -4.33 -13.17 4.45
CA SER A 173 -4.19 -14.16 5.50
C SER A 173 -3.19 -13.79 6.59
N CYS A 174 -3.52 -14.19 7.80
CA CYS A 174 -2.52 -14.26 8.86
C CYS A 174 -1.63 -15.50 8.66
N MET A 175 -0.51 -15.53 9.36
CA MET A 175 0.31 -16.74 9.45
C MET A 175 0.89 -16.71 10.86
N ALA A 176 0.44 -17.64 11.69
CA ALA A 176 0.83 -17.63 13.12
C ALA A 176 1.00 -19.04 13.64
N TRP A 177 2.24 -19.41 13.98
CA TRP A 177 2.51 -20.73 14.52
C TRP A 177 2.21 -20.81 16.01
N THR A 178 1.58 -21.90 16.43
CA THR A 178 1.49 -22.15 17.86
C THR A 178 2.89 -22.47 18.38
N HIS A 179 3.18 -22.10 19.63
CA HIS A 179 4.54 -22.20 20.14
C HIS A 179 4.94 -23.62 20.50
N ASP A 180 4.00 -24.56 20.43
CA ASP A 180 4.33 -25.98 20.51
C ASP A 180 4.98 -26.51 19.22
N GLY A 181 5.00 -25.69 18.16
CA GLY A 181 5.54 -26.08 16.86
C GLY A 181 4.70 -27.06 16.06
N LYS A 182 3.46 -27.30 16.49
CA LYS A 182 2.65 -28.35 15.87
C LYS A 182 2.07 -27.90 14.54
N GLY A 183 1.77 -26.61 14.43
CA GLY A 183 1.02 -26.15 13.29
C GLY A 183 0.87 -24.65 13.29
N MET A 184 0.11 -24.15 12.33
CA MET A 184 0.05 -22.73 12.02
C MET A 184 -1.36 -22.32 11.64
N PHE A 185 -1.81 -21.20 12.21
CA PHE A 185 -3.04 -20.56 11.78
C PHE A 185 -2.87 -19.80 10.46
N TYR A 186 -3.94 -19.80 9.66
CA TYR A 186 -3.97 -19.05 8.41
C TYR A 186 -5.43 -18.87 8.02
N ASN A 187 -5.68 -18.05 7.00
CA ASN A 187 -7.02 -17.84 6.49
C ASN A 187 -7.19 -18.33 5.06
N SER A 188 -8.41 -18.77 4.76
CA SER A 188 -8.75 -19.15 3.38
C SER A 188 -10.18 -18.75 3.05
N TYR A 189 -10.46 -18.68 1.76
CA TYR A 189 -11.79 -18.46 1.23
C TYR A 189 -12.39 -19.74 0.67
N PRO A 190 -13.71 -19.84 0.70
CA PRO A 190 -14.33 -21.05 0.18
C PRO A 190 -14.17 -21.18 -1.32
N GLN A 191 -14.22 -22.41 -1.81
CA GLN A 191 -14.14 -22.69 -3.24
C GLN A 191 -15.19 -21.87 -3.98
N GLN A 192 -14.83 -21.36 -5.15
CA GLN A 192 -15.75 -20.60 -5.97
C GLN A 192 -15.70 -21.07 -7.41
N ASP A 193 -16.82 -20.88 -8.11
CA ASP A 193 -16.88 -21.14 -9.54
C ASP A 193 -15.98 -20.16 -10.28
N GLY A 194 -15.51 -20.56 -11.45
CA GLY A 194 -14.64 -19.73 -12.26
C GLY A 194 -13.22 -19.77 -11.75
N LYS A 195 -12.44 -18.79 -12.18
CA LYS A 195 -11.02 -18.72 -11.87
C LYS A 195 -10.75 -18.06 -10.53
N SER A 196 -9.60 -18.44 -9.95
CA SER A 196 -9.06 -17.82 -8.76
C SER A 196 -7.58 -17.59 -8.98
N ASP A 197 -7.24 -16.86 -10.04
CA ASP A 197 -5.86 -16.60 -10.38
C ASP A 197 -5.47 -15.12 -10.44
N GLY A 198 -6.42 -14.24 -10.11
CA GLY A 198 -6.22 -12.81 -10.22
C GLY A 198 -6.82 -12.12 -11.42
N THR A 199 -7.32 -12.90 -12.39
CA THR A 199 -7.99 -12.33 -13.56
C THR A 199 -9.50 -12.25 -13.40
N GLU A 200 -10.03 -12.90 -12.38
CA GLU A 200 -11.45 -12.88 -12.10
C GLU A 200 -11.83 -11.63 -11.32
N THR A 201 -13.13 -11.35 -11.27
CA THR A 201 -13.63 -10.19 -10.53
C THR A 201 -14.49 -10.60 -9.32
N SER A 202 -14.65 -11.89 -9.10
CA SER A 202 -15.54 -12.42 -8.07
C SER A 202 -15.30 -11.86 -6.68
N THR A 203 -16.37 -11.47 -5.99
CA THR A 203 -16.27 -10.92 -4.64
C THR A 203 -15.77 -11.98 -3.67
N ASN A 204 -14.96 -11.54 -2.71
CA ASN A 204 -14.35 -12.44 -1.71
C ASN A 204 -15.09 -12.27 -0.38
N LEU A 205 -15.81 -13.31 0.00
CA LEU A 205 -16.65 -13.32 1.20
C LEU A 205 -16.45 -14.63 1.97
N HIS A 206 -16.86 -14.63 3.24
CA HIS A 206 -16.82 -15.84 4.09
C HIS A 206 -15.41 -16.38 4.33
N GLN A 207 -14.46 -15.47 4.52
CA GLN A 207 -13.12 -15.85 4.91
C GLN A 207 -13.16 -16.58 6.25
N LYS A 208 -12.40 -17.68 6.37
CA LYS A 208 -12.37 -18.44 7.62
C LYS A 208 -10.96 -18.55 8.17
N LEU A 209 -10.88 -18.85 9.47
CA LEU A 209 -9.62 -19.10 10.14
C LEU A 209 -9.43 -20.61 10.34
N TYR A 210 -8.35 -21.14 9.78
CA TYR A 210 -8.00 -22.54 9.90
C TYR A 210 -6.69 -22.73 10.62
N TYR A 211 -6.47 -23.95 11.09
CA TYR A 211 -5.21 -24.36 11.70
C TYR A 211 -4.68 -25.57 10.96
N HIS A 212 -3.46 -25.45 10.43
CA HIS A 212 -2.82 -26.53 9.69
C HIS A 212 -1.77 -27.21 10.56
N VAL A 213 -1.95 -28.51 10.76
CA VAL A 213 -0.95 -29.31 11.48
C VAL A 213 0.16 -29.69 10.51
N LEU A 214 1.41 -29.35 10.85
CA LEU A 214 2.52 -29.64 9.95
C LEU A 214 2.59 -31.15 9.71
N GLY A 215 2.77 -31.54 8.47
CA GLY A 215 2.89 -32.96 8.10
C GLY A 215 1.57 -33.64 7.74
N THR A 216 0.54 -32.84 7.50
CA THR A 216 -0.78 -33.33 7.12
C THR A 216 -1.25 -32.64 5.85
N ASP A 217 -2.31 -33.17 5.26
CA ASP A 217 -2.95 -32.55 4.10
C ASP A 217 -3.88 -31.41 4.54
N GLN A 218 -3.99 -30.39 3.68
CA GLN A 218 -4.88 -29.25 3.97
C GLN A 218 -6.32 -29.69 4.24
N SER A 219 -6.75 -30.78 3.62
CA SER A 219 -8.09 -31.27 3.79
C SER A 219 -8.41 -31.62 5.25
N GLU A 220 -7.37 -31.82 6.05
CA GLU A 220 -7.55 -32.18 7.46
C GLU A 220 -7.49 -30.98 8.40
N ASP A 221 -7.29 -29.78 7.86
CA ASP A 221 -7.12 -28.59 8.70
C ASP A 221 -8.34 -28.30 9.55
N ILE A 222 -8.09 -27.75 10.72
CA ILE A 222 -9.12 -27.52 11.70
C ILE A 222 -9.71 -26.13 11.51
N LEU A 223 -11.04 -26.05 11.40
CA LEU A 223 -11.74 -24.76 11.34
C LEU A 223 -11.86 -24.21 12.75
N CYS A 224 -11.28 -23.03 12.97
CA CYS A 224 -11.18 -22.44 14.31
C CYS A 224 -12.08 -21.23 14.55
N ALA A 225 -12.41 -20.49 13.49
CA ALA A 225 -13.37 -19.40 13.57
C ALA A 225 -14.01 -19.18 12.19
N GLU A 226 -15.32 -18.94 12.18
CA GLU A 226 -16.05 -18.58 10.98
C GLU A 226 -17.22 -17.68 11.37
N PHE A 227 -17.70 -16.91 10.40
CA PHE A 227 -18.71 -15.87 10.66
C PHE A 227 -19.80 -15.99 9.61
N PRO A 228 -20.60 -17.08 9.70
CA PRO A 228 -21.56 -17.36 8.63
C PRO A 228 -22.58 -16.25 8.40
N ASP A 229 -22.93 -15.54 9.46
CA ASP A 229 -23.92 -14.45 9.37
C ASP A 229 -23.32 -13.08 9.08
N GLU A 230 -21.99 -13.02 8.92
CA GLU A 230 -21.28 -11.79 8.65
C GLU A 230 -20.24 -12.06 7.57
N PRO A 231 -20.69 -12.15 6.33
CA PRO A 231 -19.82 -12.57 5.23
C PRO A 231 -18.58 -11.71 5.00
N LYS A 232 -18.61 -10.46 5.46
CA LYS A 232 -17.49 -9.53 5.27
C LYS A 232 -16.44 -9.57 6.38
N TRP A 233 -16.72 -10.27 7.47
CA TRP A 233 -15.79 -10.31 8.60
C TRP A 233 -14.57 -11.16 8.25
N MET A 234 -13.42 -10.76 8.78
CA MET A 234 -12.14 -11.42 8.52
C MET A 234 -11.42 -11.49 9.87
N GLY A 235 -11.15 -12.70 10.32
CA GLY A 235 -10.53 -12.94 11.63
C GLY A 235 -9.09 -13.39 11.52
N GLY A 236 -8.16 -12.53 11.94
CA GLY A 236 -6.74 -12.86 11.91
C GLY A 236 -6.26 -13.25 13.28
N ALA A 237 -5.42 -14.29 13.33
CA ALA A 237 -4.86 -14.81 14.58
C ALA A 237 -3.40 -14.44 14.77
N GLU A 238 -3.02 -14.23 16.02
CA GLU A 238 -1.63 -14.12 16.43
C GLU A 238 -1.50 -14.78 17.80
N LEU A 239 -0.32 -15.30 18.10
CA LEU A 239 -0.06 -15.85 19.43
C LEU A 239 0.55 -14.79 20.32
N SER A 240 0.15 -14.79 21.59
CA SER A 240 0.86 -14.00 22.59
C SER A 240 2.32 -14.41 22.68
N ASP A 241 3.18 -13.52 23.17
CA ASP A 241 4.62 -13.79 23.20
C ASP A 241 4.98 -15.03 24.03
N ASP A 242 4.20 -15.30 25.07
CA ASP A 242 4.39 -16.47 25.92
C ASP A 242 3.73 -17.74 25.37
N GLY A 243 3.07 -17.62 24.22
CA GLY A 243 2.44 -18.77 23.57
C GLY A 243 1.12 -19.24 24.14
N ARG A 244 0.65 -18.62 25.22
CA ARG A 244 -0.53 -19.11 25.91
C ARG A 244 -1.86 -18.76 25.25
N TYR A 245 -1.93 -17.60 24.61
CA TYR A 245 -3.20 -17.11 24.08
C TYR A 245 -3.17 -16.90 22.58
N VAL A 246 -4.26 -17.27 21.92
CA VAL A 246 -4.50 -16.84 20.55
C VAL A 246 -5.34 -15.57 20.62
N LEU A 247 -4.87 -14.52 19.98
CA LEU A 247 -5.64 -13.28 19.89
C LEU A 247 -6.21 -13.19 18.50
N LEU A 248 -7.53 -13.03 18.44
CA LEU A 248 -8.27 -12.91 17.20
C LEU A 248 -8.70 -11.48 16.97
N SER A 249 -8.18 -10.87 15.89
CA SER A 249 -8.58 -9.53 15.50
C SER A 249 -9.57 -9.67 14.37
N ILE A 250 -10.82 -9.31 14.61
CA ILE A 250 -11.86 -9.40 13.58
C ILE A 250 -12.06 -8.04 12.96
N ARG A 251 -11.93 -7.99 11.63
CA ARG A 251 -12.11 -6.74 10.87
C ARG A 251 -13.33 -6.87 9.95
N GLU A 252 -13.99 -5.75 9.70
CA GLU A 252 -15.24 -5.69 8.89
C GLU A 252 -15.04 -4.97 7.56
N GLY A 253 -13.84 -4.45 7.35
CA GLY A 253 -13.55 -3.50 6.29
C GLY A 253 -12.19 -2.86 6.53
N CYS A 254 -11.91 -1.78 5.82
CA CYS A 254 -10.63 -1.09 5.91
C CYS A 254 -10.53 -0.06 7.03
N ASP A 255 -11.58 0.04 7.85
CA ASP A 255 -11.59 0.95 8.99
C ASP A 255 -10.54 0.55 10.05
N PRO A 256 -9.89 1.53 10.70
CA PRO A 256 -8.96 1.19 11.79
C PRO A 256 -9.70 0.85 13.08
N VAL A 257 -10.43 -0.24 13.04
CA VAL A 257 -11.14 -0.78 14.18
C VAL A 257 -11.12 -2.30 14.05
N ASN A 258 -11.24 -2.99 15.18
CA ASN A 258 -11.35 -4.45 15.19
C ASN A 258 -11.99 -4.96 16.46
N ARG A 259 -12.75 -6.05 16.37
CA ARG A 259 -13.09 -6.82 17.57
C ARG A 259 -11.83 -7.53 18.03
N LEU A 260 -11.74 -7.82 19.32
CA LEU A 260 -10.61 -8.55 19.88
C LEU A 260 -11.18 -9.66 20.75
N TRP A 261 -11.03 -10.90 20.29
CA TRP A 261 -11.36 -12.07 21.09
C TRP A 261 -10.06 -12.79 21.46
N TYR A 262 -10.11 -13.60 22.51
CA TYR A 262 -8.94 -14.40 22.84
C TYR A 262 -9.32 -15.82 23.19
N CYS A 263 -8.34 -16.70 23.03
CA CYS A 263 -8.47 -18.08 23.47
C CYS A 263 -7.26 -18.43 24.29
N ASP A 264 -7.50 -18.80 25.55
CA ASP A 264 -6.46 -19.35 26.40
C ASP A 264 -6.27 -20.81 26.00
N LEU A 265 -5.18 -21.12 25.32
CA LEU A 265 -5.02 -22.46 24.75
C LEU A 265 -4.98 -23.55 25.82
N GLN A 266 -4.56 -23.20 27.03
CA GLN A 266 -4.57 -24.17 28.15
C GLN A 266 -5.97 -24.61 28.51
N GLN A 267 -6.96 -23.80 28.18
CA GLN A 267 -8.36 -24.13 28.48
C GLN A 267 -9.08 -24.95 27.42
N GLU A 268 -8.42 -25.25 26.30
CA GLU A 268 -9.03 -26.13 25.32
C GLU A 268 -9.11 -27.53 25.93
N SER A 269 -10.20 -28.23 25.64
CA SER A 269 -10.48 -29.53 26.23
C SER A 269 -9.49 -30.58 25.74
N SER A 270 -9.12 -30.50 24.46
CA SER A 270 -8.25 -31.47 23.80
C SER A 270 -7.44 -30.84 22.65
N GLY A 271 -6.66 -29.81 22.96
CA GLY A 271 -5.88 -29.12 21.93
C GLY A 271 -6.77 -28.40 20.93
N ILE A 272 -6.20 -28.03 19.78
CA ILE A 272 -6.95 -27.31 18.75
C ILE A 272 -7.68 -28.35 17.91
N ALA A 273 -8.98 -28.48 18.16
CA ALA A 273 -9.76 -29.57 17.57
C ALA A 273 -11.02 -29.12 16.83
N GLY A 274 -11.35 -27.84 16.94
CA GLY A 274 -12.53 -27.28 16.29
C GLY A 274 -12.62 -25.82 16.63
N ILE A 275 -13.84 -25.28 16.64
CA ILE A 275 -14.05 -23.88 16.98
C ILE A 275 -13.51 -23.66 18.39
N LEU A 276 -12.62 -22.70 18.57
CA LEU A 276 -11.96 -22.49 19.86
C LEU A 276 -12.94 -21.87 20.85
N LYS A 277 -12.56 -21.94 22.13
CA LYS A 277 -13.35 -21.36 23.20
C LYS A 277 -13.07 -19.86 23.30
N TRP A 278 -13.58 -19.12 22.32
CA TRP A 278 -13.29 -17.70 22.23
C TRP A 278 -13.93 -16.95 23.37
N VAL A 279 -13.15 -16.07 23.99
CA VAL A 279 -13.63 -15.12 24.99
C VAL A 279 -13.70 -13.74 24.31
N LYS A 280 -14.89 -13.14 24.30
CA LYS A 280 -15.13 -11.99 23.44
C LYS A 280 -14.86 -10.71 24.19
N LEU A 281 -13.58 -10.44 24.42
CA LEU A 281 -13.12 -9.33 25.25
C LEU A 281 -13.65 -7.99 24.80
N ILE A 282 -13.42 -7.66 23.52
CA ILE A 282 -13.94 -6.43 22.92
C ILE A 282 -14.78 -6.88 21.73
N ASP A 283 -16.10 -6.84 21.87
CA ASP A 283 -16.99 -7.43 20.88
C ASP A 283 -17.80 -6.38 20.13
N ASN A 284 -17.08 -5.39 19.62
CA ASN A 284 -17.64 -4.33 18.79
C ASN A 284 -16.56 -3.77 17.87
N PHE A 285 -16.95 -2.91 16.94
CA PHE A 285 -16.01 -2.28 15.99
C PHE A 285 -15.77 -0.79 16.32
N GLU A 286 -15.71 -0.45 17.60
CA GLU A 286 -15.59 0.96 17.98
C GLU A 286 -14.16 1.48 18.05
N GLY A 287 -13.18 0.57 18.09
CA GLY A 287 -11.76 0.96 18.22
C GLY A 287 -10.81 -0.09 17.69
N GLU A 288 -9.57 0.33 17.44
CA GLU A 288 -8.48 -0.55 17.04
C GLU A 288 -7.73 -1.00 18.29
N TYR A 289 -7.36 -2.27 18.34
CA TYR A 289 -6.56 -2.83 19.44
C TYR A 289 -5.52 -3.73 18.79
N ASP A 290 -4.27 -3.30 18.86
CA ASP A 290 -3.14 -4.00 18.26
C ASP A 290 -2.22 -4.50 19.36
N TYR A 291 -2.09 -5.82 19.47
CA TYR A 291 -1.29 -6.44 20.52
C TYR A 291 0.18 -6.06 20.45
N VAL A 292 0.74 -5.69 21.59
CA VAL A 292 2.16 -5.36 21.72
C VAL A 292 2.86 -6.48 22.52
N THR A 293 2.37 -6.76 23.72
CA THR A 293 2.93 -7.81 24.56
C THR A 293 1.99 -8.07 25.72
N ASN A 294 2.30 -9.09 26.52
CA ASN A 294 1.61 -9.29 27.77
C ASN A 294 2.56 -9.78 28.83
N GLU A 295 2.18 -9.55 30.09
CA GLU A 295 2.86 -10.12 31.25
C GLU A 295 1.76 -10.79 32.07
N GLY A 296 1.70 -12.12 32.00
CA GLY A 296 0.53 -12.84 32.49
C GLY A 296 -0.76 -12.32 31.86
N THR A 297 -1.74 -11.97 32.69
CA THR A 297 -3.01 -11.50 32.20
C THR A 297 -3.06 -10.03 31.85
N VAL A 298 -1.95 -9.30 32.05
CA VAL A 298 -1.91 -7.89 31.66
C VAL A 298 -1.40 -7.76 30.22
N PHE A 299 -2.29 -7.34 29.34
CA PHE A 299 -2.05 -7.21 27.92
C PHE A 299 -1.91 -5.74 27.51
N THR A 300 -0.84 -5.46 26.77
CA THR A 300 -0.52 -4.12 26.29
C THR A 300 -0.95 -4.03 24.82
N PHE A 301 -1.74 -2.99 24.52
CA PHE A 301 -2.27 -2.75 23.16
C PHE A 301 -2.00 -1.32 22.72
N LYS A 302 -1.71 -1.14 21.43
CA LYS A 302 -1.85 0.14 20.77
C LYS A 302 -3.31 0.30 20.40
N THR A 303 -3.89 1.47 20.69
CA THR A 303 -5.28 1.73 20.41
C THR A 303 -5.55 3.14 19.93
N ASN A 304 -6.64 3.31 19.21
CA ASN A 304 -7.21 4.63 18.93
C ASN A 304 -8.54 4.90 19.68
N ARG A 305 -8.87 4.04 20.64
CA ARG A 305 -10.09 4.21 21.46
C ARG A 305 -10.03 5.53 22.22
N HIS A 306 -10.87 6.48 21.81
CA HIS A 306 -10.89 7.86 22.37
C HIS A 306 -9.57 8.58 22.20
N SER A 307 -8.79 8.16 21.21
CA SER A 307 -7.42 8.63 21.04
C SER A 307 -7.05 8.65 19.57
N PRO A 308 -7.49 9.67 18.84
CA PRO A 308 -7.26 9.70 17.40
C PRO A 308 -5.80 9.72 16.96
N ASN A 309 -4.89 10.16 17.85
CA ASN A 309 -3.45 10.10 17.55
C ASN A 309 -2.77 8.84 18.09
N TYR A 310 -3.59 7.95 18.67
CA TYR A 310 -3.18 6.65 19.20
C TYR A 310 -2.45 6.75 20.53
N ARG A 311 -2.61 5.70 21.32
CA ARG A 311 -1.98 5.59 22.63
C ARG A 311 -1.79 4.14 22.98
N VAL A 312 -1.16 3.89 24.13
CA VAL A 312 -0.85 2.54 24.58
C VAL A 312 -1.57 2.30 25.90
N ILE A 313 -2.38 1.24 25.93
CA ILE A 313 -3.15 0.86 27.12
C ILE A 313 -2.79 -0.55 27.58
N ASN A 314 -3.00 -0.80 28.87
CA ASN A 314 -2.95 -2.14 29.43
C ASN A 314 -4.34 -2.59 29.85
N ILE A 315 -4.76 -3.75 29.36
CA ILE A 315 -6.02 -4.35 29.74
C ILE A 315 -5.67 -5.62 30.49
N ASP A 316 -6.19 -5.76 31.70
CA ASP A 316 -6.03 -6.97 32.51
C ASP A 316 -7.21 -7.88 32.22
N PHE A 317 -6.93 -9.06 31.68
CA PHE A 317 -8.00 -9.99 31.34
C PHE A 317 -8.80 -10.41 32.58
N THR A 318 -8.20 -10.30 33.76
CA THR A 318 -8.92 -10.64 35.01
C THR A 318 -9.84 -9.52 35.49
N ASP A 319 -9.74 -8.33 34.89
CA ASP A 319 -10.57 -7.18 35.26
C ASP A 319 -10.72 -6.26 34.03
N PRO A 320 -11.42 -6.76 33.00
CA PRO A 320 -11.38 -6.20 31.66
C PRO A 320 -12.26 -4.99 31.35
N GLU A 321 -13.07 -4.51 32.30
CA GLU A 321 -13.93 -3.35 32.04
C GLU A 321 -13.08 -2.12 31.68
N GLU A 322 -13.59 -1.30 30.76
CA GLU A 322 -12.82 -0.16 30.25
C GLU A 322 -12.43 0.85 31.31
N SER A 323 -13.29 1.07 32.31
CA SER A 323 -12.95 1.96 33.40
C SER A 323 -11.70 1.54 34.15
N LYS A 324 -11.34 0.25 34.04
CA LYS A 324 -10.18 -0.31 34.72
C LYS A 324 -8.88 -0.34 33.90
N TRP A 325 -8.96 -0.05 32.61
CA TRP A 325 -7.75 -0.04 31.78
C TRP A 325 -6.75 1.00 32.26
N LYS A 326 -5.48 0.71 32.11
CA LYS A 326 -4.41 1.63 32.46
C LYS A 326 -3.84 2.25 31.19
N VAL A 327 -3.61 3.56 31.22
CA VAL A 327 -3.00 4.24 30.09
C VAL A 327 -1.50 4.29 30.31
N LEU A 328 -0.79 3.41 29.61
CA LEU A 328 0.65 3.25 29.79
C LEU A 328 1.42 4.38 29.14
N VAL A 329 1.05 4.68 27.90
CA VAL A 329 1.65 5.78 27.14
C VAL A 329 0.50 6.62 26.60
N PRO A 330 0.18 7.74 27.25
CA PRO A 330 -0.87 8.58 26.74
C PRO A 330 -0.67 9.14 25.33
N GLU A 331 -1.79 9.54 24.76
CA GLU A 331 -1.84 10.17 23.45
C GLU A 331 -1.09 11.49 23.45
N HIS A 332 -0.41 11.80 22.35
CA HIS A 332 0.12 13.14 22.13
C HIS A 332 -0.87 14.03 21.40
N GLU A 333 -0.71 15.33 21.60
CA GLU A 333 -1.62 16.34 21.04
C GLU A 333 -1.59 16.37 19.53
N LYS A 334 -0.41 16.18 18.95
CA LYS A 334 -0.27 16.20 17.50
C LYS A 334 0.45 14.97 16.93
N ASP A 335 1.48 14.48 17.61
CA ASP A 335 2.28 13.37 17.08
C ASP A 335 1.51 12.06 17.14
N VAL A 336 1.55 11.31 16.04
CA VAL A 336 0.77 10.09 15.88
C VAL A 336 1.64 8.89 16.20
N LEU A 337 1.20 8.02 17.12
CA LEU A 337 1.90 6.75 17.36
C LEU A 337 1.60 5.80 16.21
N GLU A 338 2.61 5.53 15.40
CA GLU A 338 2.45 4.68 14.22
C GLU A 338 2.51 3.21 14.56
N TRP A 339 3.49 2.83 15.37
CA TRP A 339 3.64 1.47 15.81
C TRP A 339 4.50 1.38 17.05
N ILE A 340 4.41 0.24 17.72
CA ILE A 340 5.16 0.00 18.95
C ILE A 340 5.48 -1.49 19.05
N ALA A 341 6.71 -1.79 19.44
CA ALA A 341 7.19 -3.16 19.57
C ALA A 341 7.82 -3.36 20.94
N CYS A 342 7.65 -4.55 21.50
CA CYS A 342 8.34 -4.93 22.73
C CYS A 342 9.58 -5.72 22.39
N VAL A 343 10.69 -5.36 23.03
CA VAL A 343 11.99 -5.98 22.78
C VAL A 343 12.77 -6.07 24.09
N ARG A 344 13.67 -7.05 24.18
CA ARG A 344 14.52 -7.27 25.34
C ARG A 344 13.70 -7.34 26.63
N SER A 345 12.62 -8.09 26.56
CA SER A 345 11.69 -8.35 27.69
C SER A 345 10.87 -7.16 28.14
N ASN A 346 11.53 -6.05 28.49
CA ASN A 346 10.85 -4.95 29.14
C ASN A 346 11.15 -3.57 28.56
N PHE A 347 11.57 -3.54 27.30
CA PHE A 347 11.63 -2.30 26.55
C PHE A 347 10.51 -2.23 25.52
N LEU A 348 10.14 -1.01 25.18
CA LEU A 348 9.20 -0.72 24.10
C LEU A 348 9.86 0.24 23.13
N VAL A 349 9.78 -0.07 21.82
CA VAL A 349 10.24 0.83 20.78
C VAL A 349 8.99 1.44 20.16
N LEU A 350 8.92 2.78 20.18
CA LEU A 350 7.78 3.53 19.70
C LEU A 350 8.20 4.37 18.51
N CYS A 351 7.42 4.30 17.44
CA CYS A 351 7.65 5.09 16.25
C CYS A 351 6.50 6.07 16.08
N TYR A 352 6.83 7.35 16.10
CA TYR A 352 5.87 8.42 15.93
C TYR A 352 6.00 9.10 14.58
N LEU A 353 4.93 9.77 14.18
CA LEU A 353 4.93 10.65 13.02
C LEU A 353 4.78 12.07 13.53
N HIS A 354 5.79 12.90 13.28
CA HIS A 354 5.81 14.29 13.68
C HIS A 354 5.92 15.13 12.40
N ASP A 355 4.84 15.83 12.07
CA ASP A 355 4.74 16.60 10.83
C ASP A 355 5.30 15.83 9.63
N VAL A 356 4.78 14.61 9.51
CA VAL A 356 5.02 13.73 8.35
C VAL A 356 6.47 13.24 8.27
N LYS A 357 7.14 13.16 9.42
CA LYS A 357 8.50 12.61 9.50
C LYS A 357 8.50 11.64 10.68
N ASN A 358 9.23 10.54 10.57
CA ASN A 358 9.24 9.57 11.67
C ASN A 358 10.25 9.94 12.76
N THR A 359 9.90 9.55 13.99
CA THR A 359 10.81 9.61 15.12
C THR A 359 10.77 8.23 15.76
N LEU A 360 11.81 7.88 16.51
CA LEU A 360 11.92 6.56 17.12
C LEU A 360 12.49 6.72 18.51
N GLN A 361 11.90 6.01 19.47
CA GLN A 361 12.36 6.12 20.85
C GLN A 361 12.05 4.88 21.65
N LEU A 362 12.78 4.76 22.76
CA LEU A 362 12.74 3.62 23.64
C LEU A 362 12.07 4.01 24.93
N HIS A 363 11.12 3.19 25.38
CA HIS A 363 10.39 3.41 26.62
C HIS A 363 10.48 2.17 27.49
N ASP A 364 10.24 2.37 28.78
CA ASP A 364 10.14 1.29 29.75
C ASP A 364 8.76 0.62 29.70
N LEU A 365 8.73 -0.71 29.70
CA LEU A 365 7.44 -1.42 29.67
C LEU A 365 6.62 -1.19 30.93
N THR A 366 7.27 -1.13 32.09
CA THR A 366 6.51 -1.10 33.34
C THR A 366 5.83 0.24 33.58
N THR A 367 6.54 1.32 33.29
CA THR A 367 6.02 2.66 33.54
C THR A 367 5.58 3.41 32.30
N GLY A 368 6.08 3.00 31.13
CA GLY A 368 5.85 3.77 29.90
C GLY A 368 6.76 4.98 29.71
N ALA A 369 7.68 5.20 30.64
CA ALA A 369 8.55 6.38 30.60
C ALA A 369 9.52 6.31 29.44
N LEU A 370 9.78 7.47 28.85
CA LEU A 370 10.82 7.62 27.85
C LEU A 370 12.20 7.37 28.46
N LEU A 371 13.00 6.52 27.79
CA LEU A 371 14.38 6.22 28.19
C LEU A 371 15.44 6.77 27.23
N LYS A 372 15.18 6.72 25.92
CA LYS A 372 16.21 7.04 24.92
C LYS A 372 15.55 7.46 23.62
N ILE A 373 16.07 8.53 23.03
CA ILE A 373 15.68 8.91 21.68
C ILE A 373 16.71 8.39 20.70
N PHE A 374 16.25 7.77 19.63
CA PHE A 374 17.16 7.32 18.58
C PHE A 374 17.21 8.41 17.51
N PRO A 375 18.36 9.11 17.38
CA PRO A 375 18.40 10.25 16.47
C PRO A 375 18.22 9.83 15.01
N LEU A 376 17.38 10.57 14.28
CA LEU A 376 17.17 10.34 12.86
C LEU A 376 17.24 11.66 12.11
N ASP A 377 17.70 11.60 10.86
CA ASP A 377 17.52 12.70 9.91
C ASP A 377 16.04 12.78 9.51
N VAL A 378 15.67 13.74 8.66
CA VAL A 378 14.28 13.85 8.20
C VAL A 378 13.95 12.77 7.18
N GLY A 379 13.00 11.90 7.51
CA GLY A 379 12.64 10.80 6.63
C GLY A 379 11.71 9.83 7.30
N SER A 380 11.79 8.58 6.85
CA SER A 380 10.85 7.54 7.27
C SER A 380 11.60 6.34 7.81
N ILE A 381 10.97 5.67 8.76
CA ILE A 381 11.37 4.31 9.16
C ILE A 381 10.53 3.33 8.36
N VAL A 382 11.21 2.46 7.60
CA VAL A 382 10.54 1.54 6.69
C VAL A 382 10.83 0.06 6.98
N GLY A 383 11.57 -0.21 8.06
CA GLY A 383 11.83 -1.56 8.49
C GLY A 383 12.28 -1.56 9.93
N TYR A 384 12.02 -2.66 10.60
CA TYR A 384 12.39 -2.81 12.01
C TYR A 384 12.46 -4.29 12.36
N SER A 385 13.39 -4.64 13.25
CA SER A 385 13.34 -5.96 13.87
C SER A 385 13.71 -5.88 15.34
N GLY A 386 13.07 -6.73 16.12
CA GLY A 386 13.36 -6.87 17.56
C GLY A 386 12.12 -7.29 18.29
N GLN A 387 12.05 -8.59 18.59
CA GLN A 387 10.95 -9.19 19.34
C GLN A 387 11.27 -9.26 20.83
N LYS A 388 10.28 -9.64 21.63
CA LYS A 388 10.43 -9.65 23.08
C LYS A 388 11.67 -10.40 23.55
N LYS A 389 11.97 -11.54 22.93
CA LYS A 389 13.13 -12.35 23.32
C LYS A 389 14.46 -11.85 22.76
N ASP A 390 14.41 -10.90 21.86
CA ASP A 390 15.64 -10.39 21.23
C ASP A 390 16.29 -9.38 22.14
N THR A 391 17.60 -9.21 21.98
CA THR A 391 18.33 -8.26 22.81
C THR A 391 18.94 -7.12 22.03
N GLU A 392 18.45 -6.93 20.81
CA GLU A 392 18.96 -5.91 19.93
C GLU A 392 17.86 -5.51 18.96
N ILE A 393 17.99 -4.32 18.39
CA ILE A 393 17.10 -3.88 17.34
C ILE A 393 17.89 -3.52 16.07
N PHE A 394 17.24 -3.71 14.93
CA PHE A 394 17.66 -3.12 13.68
C PHE A 394 16.53 -2.22 13.20
N TYR A 395 16.86 -1.13 12.51
CA TYR A 395 15.82 -0.33 11.85
C TYR A 395 16.36 0.30 10.57
N GLN A 396 15.47 0.43 9.60
CA GLN A 396 15.84 0.96 8.29
C GLN A 396 15.22 2.34 8.11
N PHE A 397 16.07 3.30 7.77
CA PHE A 397 15.68 4.67 7.54
C PHE A 397 15.88 5.01 6.06
N THR A 398 14.96 5.78 5.51
CA THR A 398 15.07 6.28 4.14
C THR A 398 14.64 7.74 4.07
N SER A 399 15.04 8.42 3.00
CA SER A 399 14.71 9.83 2.85
C SER A 399 14.66 10.16 1.38
N PHE A 400 14.28 11.38 1.06
CA PHE A 400 14.15 11.74 -0.35
C PHE A 400 15.48 11.71 -1.11
N LEU A 401 16.58 12.03 -0.43
CA LEU A 401 17.85 12.27 -1.15
C LEU A 401 18.93 11.23 -0.87
N SER A 402 18.68 10.30 0.04
CA SER A 402 19.65 9.24 0.35
C SER A 402 18.96 7.90 0.44
N PRO A 403 19.60 6.84 -0.09
CA PRO A 403 19.00 5.53 -0.03
C PRO A 403 18.90 5.00 1.40
N GLY A 404 18.18 3.90 1.54
CA GLY A 404 18.01 3.27 2.82
C GLY A 404 19.31 2.97 3.54
N ILE A 405 19.30 3.19 4.85
CA ILE A 405 20.43 2.88 5.72
C ILE A 405 19.87 2.07 6.89
N ILE A 406 20.63 1.06 7.29
CA ILE A 406 20.22 0.17 8.39
C ILE A 406 21.04 0.50 9.60
N TYR A 407 20.34 0.73 10.71
CA TYR A 407 20.96 0.95 12.01
C TYR A 407 20.76 -0.26 12.89
N HIS A 408 21.65 -0.40 13.88
CA HIS A 408 21.62 -1.49 14.85
C HIS A 408 21.88 -0.91 16.24
N CYS A 409 21.22 -1.47 17.25
CA CYS A 409 21.50 -1.08 18.64
C CYS A 409 21.43 -2.31 19.55
N ASP A 410 22.54 -2.56 20.23
CA ASP A 410 22.63 -3.64 21.22
C ASP A 410 22.02 -3.15 22.51
N LEU A 411 20.84 -3.68 22.85
CA LEU A 411 20.06 -3.16 23.97
C LEU A 411 20.46 -3.77 25.31
N THR A 412 21.49 -4.62 25.32
CA THR A 412 21.99 -5.20 26.57
C THR A 412 22.92 -4.24 27.31
N LYS A 413 23.36 -3.18 26.62
CA LYS A 413 24.43 -2.33 27.12
C LYS A 413 23.94 -1.21 28.01
N GLU A 414 24.78 -0.82 28.97
CA GLU A 414 24.49 0.31 29.84
C GLU A 414 24.36 1.60 29.03
N GLU A 415 25.32 1.79 28.13
CA GLU A 415 25.35 2.93 27.23
C GLU A 415 24.79 2.47 25.89
N LEU A 416 23.56 2.89 25.59
CA LEU A 416 22.93 2.50 24.33
C LEU A 416 23.56 3.28 23.18
N GLU A 417 24.00 2.53 22.18
CA GLU A 417 24.72 3.11 21.05
C GLU A 417 24.12 2.71 19.72
N PRO A 418 23.20 3.52 19.19
CA PRO A 418 22.69 3.23 17.85
C PRO A 418 23.80 3.49 16.87
N ARG A 419 24.08 2.50 16.01
CA ARG A 419 25.19 2.59 15.09
C ARG A 419 24.77 2.21 13.68
N VAL A 420 25.44 2.78 12.69
CA VAL A 420 25.26 2.36 11.30
C VAL A 420 25.66 0.90 11.17
N PHE A 421 24.78 0.11 10.57
CA PHE A 421 25.02 -1.30 10.32
C PHE A 421 25.31 -1.56 8.84
N ARG A 422 24.49 -1.00 7.97
CA ARG A 422 24.70 -1.11 6.53
C ARG A 422 24.33 0.21 5.89
N GLU A 423 25.26 0.76 5.12
CA GLU A 423 25.06 1.99 4.40
C GLU A 423 25.59 1.76 2.98
N VAL A 424 24.87 2.29 2.00
CA VAL A 424 25.26 2.17 0.60
C VAL A 424 25.31 3.54 -0.05
N VAL A 426 24.05 6.19 -3.81
CA VAL A 426 24.10 5.88 -5.23
C VAL A 426 25.14 6.76 -5.93
N LYS A 427 26.00 6.15 -6.74
CA LYS A 427 27.07 6.87 -7.41
C LYS A 427 26.53 7.86 -8.44
N ILE A 429 24.75 10.42 -7.49
CA ILE A 429 23.79 11.36 -6.92
C ILE A 429 24.38 12.11 -5.74
N ASP A 430 24.49 13.43 -5.88
CA ASP A 430 24.96 14.28 -4.80
C ASP A 430 23.77 14.99 -4.16
N ALA A 431 23.40 14.55 -2.95
CA ALA A 431 22.32 15.18 -2.20
C ALA A 431 22.46 16.70 -2.05
N SER A 432 23.71 17.19 -2.02
CA SER A 432 23.99 18.62 -1.82
C SER A 432 23.49 19.52 -2.94
N ASP A 433 23.24 18.92 -4.10
CA ASP A 433 22.74 19.62 -5.28
C ASP A 433 21.22 19.89 -5.22
N TYR A 434 20.54 19.29 -4.24
CA TYR A 434 19.08 19.40 -4.14
C TYR A 434 18.67 20.08 -2.86
N GLN A 435 17.49 20.70 -2.87
CA GLN A 435 16.90 21.18 -1.64
C GLN A 435 15.53 20.56 -1.43
N THR A 436 15.22 20.31 -0.16
CA THR A 436 13.95 19.76 0.25
C THR A 436 13.33 20.77 1.18
N VAL A 437 12.04 21.01 1.02
CA VAL A 437 11.33 21.87 1.95
C VAL A 437 10.00 21.24 2.30
N GLN A 438 9.48 21.60 3.47
CA GLN A 438 8.11 21.32 3.85
C GLN A 438 7.40 22.65 4.07
N ILE A 439 6.28 22.82 3.39
CA ILE A 439 5.42 23.97 3.56
C ILE A 439 4.02 23.53 3.94
N PHE A 440 3.21 24.48 4.41
CA PHE A 440 1.82 24.22 4.76
C PHE A 440 1.00 25.24 4.02
N TYR A 441 0.04 24.76 3.21
CA TYR A 441 -0.79 25.65 2.39
C TYR A 441 -2.25 25.51 2.83
N PRO A 442 -3.03 26.60 2.81
CA PRO A 442 -4.44 26.50 3.09
C PRO A 442 -5.27 25.86 1.97
N SER A 443 -6.14 24.93 2.36
CA SER A 443 -7.12 24.39 1.45
C SER A 443 -8.34 25.30 1.37
N LYS A 444 -9.32 24.89 0.56
CA LYS A 444 -10.54 25.66 0.34
C LYS A 444 -11.19 26.09 1.66
N ASP A 445 -11.27 25.16 2.61
CA ASP A 445 -11.94 25.44 3.89
C ASP A 445 -11.01 26.04 4.96
N GLY A 446 -9.79 26.37 4.57
CA GLY A 446 -8.83 27.01 5.47
C GLY A 446 -7.85 26.08 6.16
N THR A 447 -8.13 24.77 6.11
CA THR A 447 -7.26 23.80 6.75
C THR A 447 -5.86 23.84 6.12
N LYS A 448 -4.83 23.88 6.96
CA LYS A 448 -3.47 23.88 6.48
C LYS A 448 -3.02 22.45 6.16
N ILE A 449 -2.54 22.25 4.94
CA ILE A 449 -2.12 20.93 4.46
C ILE A 449 -0.60 20.92 4.27
N PRO A 450 0.09 19.89 4.77
CA PRO A 450 1.53 19.82 4.47
C PRO A 450 1.83 19.44 3.02
N MET A 451 2.95 19.94 2.51
CA MET A 451 3.47 19.49 1.23
C MET A 451 4.98 19.51 1.29
N PHE A 452 5.60 18.43 0.83
CA PHE A 452 7.04 18.38 0.60
C PHE A 452 7.33 18.80 -0.85
N ILE A 453 8.41 19.54 -1.04
CA ILE A 453 8.85 19.93 -2.37
C ILE A 453 10.35 19.67 -2.44
N VAL A 454 10.80 19.02 -3.51
CA VAL A 454 12.22 18.74 -3.75
C VAL A 454 12.59 19.26 -5.13
N HIS A 455 13.69 20.01 -5.22
CA HIS A 455 14.13 20.53 -6.51
C HIS A 455 15.62 20.79 -6.49
N LYS A 456 16.17 21.12 -7.66
CA LYS A 456 17.56 21.58 -7.73
C LYS A 456 17.76 22.86 -6.95
N LYS A 457 18.88 22.97 -6.24
CA LYS A 457 19.19 24.21 -5.52
C LYS A 457 19.36 25.38 -6.48
N GLY A 458 18.78 26.52 -6.10
CA GLY A 458 19.05 27.78 -6.76
C GLY A 458 18.20 28.12 -7.97
N ILE A 459 17.20 27.29 -8.25
CA ILE A 459 16.30 27.57 -9.38
C ILE A 459 15.49 28.84 -9.17
N LYS A 460 15.07 29.46 -10.27
CA LYS A 460 14.20 30.63 -10.21
C LYS A 460 12.75 30.18 -10.17
N LEU A 461 11.97 30.78 -9.29
CA LEU A 461 10.54 30.46 -9.20
C LEU A 461 9.75 31.32 -10.19
N ASP A 462 9.99 31.06 -11.48
CA ASP A 462 9.43 31.82 -12.59
C ASP A 462 8.36 31.06 -13.37
N GLY A 463 7.89 29.94 -12.80
CA GLY A 463 6.86 29.13 -13.44
C GLY A 463 7.32 28.25 -14.58
N SER A 464 8.62 28.21 -14.85
CA SER A 464 9.12 27.58 -16.08
C SER A 464 9.38 26.08 -15.99
N HIS A 465 9.29 25.52 -14.78
CA HIS A 465 9.78 24.15 -14.56
C HIS A 465 8.64 23.14 -14.63
N PRO A 466 8.89 21.97 -15.24
CA PRO A 466 7.87 20.93 -15.14
C PRO A 466 7.84 20.40 -13.72
N ALA A 467 6.65 20.04 -13.25
CA ALA A 467 6.46 19.56 -11.88
C ALA A 467 5.73 18.23 -11.88
N PHE A 468 6.01 17.42 -10.87
CA PHE A 468 5.38 16.13 -10.67
C PHE A 468 4.83 16.15 -9.23
N LEU A 469 3.50 16.21 -9.14
CA LEU A 469 2.80 16.33 -7.87
C LEU A 469 2.07 15.03 -7.59
N TYR A 470 2.40 14.43 -6.45
CA TYR A 470 1.89 13.12 -6.04
C TYR A 470 0.98 13.23 -4.83
N GLY A 471 -0.08 12.42 -4.81
CA GLY A 471 -0.96 12.34 -3.65
C GLY A 471 -1.65 11.00 -3.60
N TYR A 472 -2.20 10.69 -2.42
CA TYR A 472 -3.03 9.49 -2.23
C TYR A 472 -4.36 9.93 -1.59
N GLY A 473 -4.35 10.16 -0.29
CA GLY A 473 -5.49 10.73 0.42
C GLY A 473 -6.59 9.75 0.77
N GLY A 474 -6.28 8.85 1.69
CA GLY A 474 -7.25 7.85 2.09
C GLY A 474 -6.67 6.77 2.94
N PHE A 475 -7.59 6.02 3.55
CA PHE A 475 -7.29 4.74 4.18
C PHE A 475 -6.28 4.83 5.31
N ASN A 476 -6.16 6.02 5.90
CA ASN A 476 -5.24 6.24 7.01
C ASN A 476 -3.80 6.00 6.64
N ILE A 477 -3.48 6.05 5.35
CA ILE A 477 -2.10 5.87 4.88
C ILE A 477 -1.39 7.23 4.84
N SER A 478 -0.21 7.30 5.43
CA SER A 478 0.57 8.53 5.46
C SER A 478 1.64 8.45 4.40
N ILE A 479 1.81 9.52 3.65
CA ILE A 479 2.76 9.55 2.54
C ILE A 479 4.02 10.27 3.01
N THR A 480 4.98 9.48 3.51
CA THR A 480 6.17 10.02 4.16
C THR A 480 7.39 9.87 3.23
N PRO A 481 8.49 10.57 3.53
CA PRO A 481 9.60 10.60 2.58
C PRO A 481 10.23 9.24 2.30
N ASN A 482 10.52 8.98 1.03
CA ASN A 482 11.14 7.71 0.65
C ASN A 482 12.08 8.01 -0.50
N TYR A 483 13.12 7.21 -0.65
CA TYR A 483 14.10 7.41 -1.71
C TYR A 483 13.58 6.84 -3.01
N SER A 484 13.48 7.70 -4.02
CA SER A 484 12.98 7.30 -5.34
C SER A 484 13.97 7.77 -6.39
N VAL A 485 14.73 6.84 -6.96
CA VAL A 485 15.67 7.12 -8.03
C VAL A 485 14.90 7.66 -9.24
N SER A 486 13.75 7.06 -9.52
CA SER A 486 12.97 7.44 -10.69
C SER A 486 12.57 8.92 -10.62
N ARG A 487 12.13 9.37 -9.45
N ARG A 487 12.13 9.37 -9.45
CA ARG A 487 11.75 10.77 -9.29
CA ARG A 487 11.77 10.78 -9.30
C ARG A 487 12.97 11.71 -9.37
C ARG A 487 12.98 11.71 -9.39
N LEU A 488 14.09 11.30 -8.81
CA LEU A 488 15.32 12.13 -8.87
C LEU A 488 15.84 12.29 -10.31
N ILE A 489 15.66 11.26 -11.14
CA ILE A 489 16.05 11.38 -12.57
C ILE A 489 15.20 12.48 -13.25
N PHE A 490 13.92 12.59 -12.90
CA PHE A 490 13.08 13.67 -13.42
C PHE A 490 13.63 15.04 -13.01
N VAL A 491 14.12 15.18 -11.77
CA VAL A 491 14.74 16.44 -11.35
C VAL A 491 16.02 16.71 -12.16
N ARG A 492 16.94 15.75 -12.14
CA ARG A 492 18.29 15.97 -12.69
C ARG A 492 18.28 16.03 -14.21
N HIS A 493 17.58 15.08 -14.84
CA HIS A 493 17.68 14.94 -16.28
C HIS A 493 16.48 15.50 -17.04
N MET A 494 15.41 15.90 -16.35
CA MET A 494 14.29 16.57 -17.03
C MET A 494 13.97 17.95 -16.44
N GLY A 495 14.83 18.42 -15.53
CA GLY A 495 14.70 19.74 -14.95
C GLY A 495 13.47 19.93 -14.07
N GLY A 496 12.97 18.83 -13.51
CA GLY A 496 11.68 18.86 -12.83
C GLY A 496 11.71 19.25 -11.37
N ILE A 497 10.53 19.55 -10.85
CA ILE A 497 10.31 19.76 -9.44
C ILE A 497 9.38 18.65 -8.95
N LEU A 498 9.68 18.09 -7.77
CA LEU A 498 8.86 17.05 -7.14
C LEU A 498 8.03 17.60 -5.99
N ALA A 499 6.81 17.13 -5.86
CA ALA A 499 5.96 17.53 -4.72
C ALA A 499 5.07 16.37 -4.28
N VAL A 500 4.89 16.27 -2.97
CA VAL A 500 3.94 15.34 -2.34
C VAL A 500 3.04 16.16 -1.44
N ALA A 501 1.74 16.11 -1.66
CA ALA A 501 0.77 16.81 -0.82
C ALA A 501 0.10 15.84 0.13
N ASN A 502 0.21 16.11 1.44
CA ASN A 502 -0.31 15.24 2.49
C ASN A 502 -1.76 15.56 2.79
N ILE A 503 -2.59 15.34 1.77
CA ILE A 503 -4.00 15.69 1.82
C ILE A 503 -4.76 14.83 2.83
N ARG A 504 -5.94 15.31 3.18
CA ARG A 504 -6.78 14.61 4.12
C ARG A 504 -7.25 13.25 3.58
N GLY A 505 -7.74 12.42 4.50
CA GLY A 505 -7.95 11.00 4.23
C GLY A 505 -6.78 10.14 4.63
N GLY A 506 -5.57 10.68 4.62
CA GLY A 506 -4.40 9.97 5.10
C GLY A 506 -4.33 9.91 6.61
N GLY A 507 -3.26 9.34 7.11
CA GLY A 507 -3.06 9.19 8.54
C GLY A 507 -2.12 10.22 9.15
N GLU A 508 -1.74 11.23 8.39
CA GLU A 508 -0.63 12.11 8.81
C GLU A 508 -0.90 12.81 10.14
N TYR A 509 -2.15 13.19 10.37
CA TYR A 509 -2.56 13.79 11.66
C TYR A 509 -3.67 12.95 12.32
N GLY A 510 -3.49 11.63 12.24
CA GLY A 510 -4.28 10.68 13.00
C GLY A 510 -5.68 10.50 12.44
N GLU A 511 -6.57 9.97 13.27
CA GLU A 511 -7.89 9.62 12.78
C GLU A 511 -8.72 10.83 12.36
N THR A 512 -8.46 12.01 12.95
CA THR A 512 -9.19 13.20 12.52
C THR A 512 -8.80 13.60 11.07
N TRP A 513 -7.56 13.33 10.71
CA TRP A 513 -7.09 13.62 9.35
C TRP A 513 -7.73 12.64 8.39
N HIS A 514 -7.78 11.38 8.82
CA HIS A 514 -8.44 10.35 8.02
C HIS A 514 -9.92 10.68 7.80
N LYS A 515 -10.63 10.97 8.88
CA LYS A 515 -12.06 11.28 8.78
C LYS A 515 -12.36 12.54 7.96
N GLY A 516 -11.39 13.44 7.86
CA GLY A 516 -11.53 14.64 7.04
C GLY A 516 -11.51 14.38 5.56
N GLY A 517 -11.22 13.15 5.15
CA GLY A 517 -11.19 12.79 3.73
C GLY A 517 -11.92 11.50 3.40
N ILE A 518 -13.01 11.23 4.12
CA ILE A 518 -13.85 10.06 3.86
C ILE A 518 -15.34 10.41 3.83
N LEU A 519 -16.11 9.51 3.24
CA LEU A 519 -17.57 9.52 3.31
C LEU A 519 -18.09 10.84 2.71
N ALA A 520 -18.93 11.59 3.43
CA ALA A 520 -19.44 12.85 2.90
C ALA A 520 -18.34 13.88 2.64
N ASN A 521 -17.19 13.70 3.29
CA ASN A 521 -16.08 14.62 3.18
C ASN A 521 -15.01 14.19 2.18
N LYS A 522 -15.28 13.17 1.37
CA LYS A 522 -14.27 12.74 0.39
C LYS A 522 -13.84 13.86 -0.54
N GLN A 523 -14.75 14.76 -0.89
CA GLN A 523 -14.41 15.87 -1.77
C GLN A 523 -13.27 16.74 -1.21
N ASN A 524 -13.11 16.76 0.11
CA ASN A 524 -11.96 17.47 0.73
C ASN A 524 -10.61 17.01 0.15
N CYS A 525 -10.47 15.71 -0.13
CA CYS A 525 -9.23 15.18 -0.72
C CYS A 525 -8.92 15.90 -2.02
N PHE A 526 -9.93 15.99 -2.87
CA PHE A 526 -9.76 16.57 -4.19
C PHE A 526 -9.50 18.09 -4.10
N ASP A 527 -10.24 18.76 -3.20
CA ASP A 527 -10.03 20.19 -2.97
C ASP A 527 -8.60 20.44 -2.44
N ASP A 528 -8.20 19.66 -1.43
CA ASP A 528 -6.83 19.75 -0.91
C ASP A 528 -5.81 19.63 -2.03
N PHE A 529 -5.99 18.65 -2.91
CA PHE A 529 -4.98 18.36 -3.95
C PHE A 529 -4.98 19.45 -5.02
N GLN A 530 -6.16 19.93 -5.41
CA GLN A 530 -6.25 21.05 -6.35
C GLN A 530 -5.57 22.29 -5.76
N CYS A 531 -5.73 22.50 -4.46
CA CYS A 531 -5.10 23.66 -3.80
C CYS A 531 -3.58 23.51 -3.76
N ALA A 532 -3.08 22.27 -3.69
CA ALA A 532 -1.66 22.03 -3.77
C ALA A 532 -1.13 22.46 -5.13
N ALA A 533 -1.82 22.07 -6.19
CA ALA A 533 -1.48 22.51 -7.54
C ALA A 533 -1.49 24.02 -7.65
N GLU A 534 -2.54 24.64 -7.12
CA GLU A 534 -2.65 26.11 -7.17
C GLU A 534 -1.48 26.80 -6.45
N TYR A 535 -1.04 26.21 -5.33
CA TYR A 535 0.09 26.72 -4.58
C TYR A 535 1.36 26.67 -5.43
N LEU A 536 1.63 25.53 -6.05
CA LEU A 536 2.85 25.37 -6.86
C LEU A 536 2.88 26.37 -8.01
N ILE A 537 1.71 26.62 -8.57
CA ILE A 537 1.56 27.59 -9.66
C ILE A 537 1.72 29.03 -9.14
N LYS A 538 0.97 29.39 -8.11
CA LYS A 538 1.02 30.76 -7.58
C LYS A 538 2.44 31.12 -7.12
N GLU A 539 3.13 30.16 -6.52
CA GLU A 539 4.45 30.43 -5.94
C GLU A 539 5.57 30.30 -6.96
N GLY A 540 5.24 29.92 -8.18
CA GLY A 540 6.19 30.00 -9.28
C GLY A 540 7.05 28.78 -9.50
N TYR A 541 6.67 27.66 -8.89
CA TYR A 541 7.39 26.41 -9.14
C TYR A 541 7.11 25.89 -10.54
N THR A 542 5.88 26.11 -11.03
CA THR A 542 5.45 25.52 -12.29
C THR A 542 4.29 26.36 -12.85
N SER A 543 3.72 25.89 -13.96
CA SER A 543 2.54 26.48 -14.59
C SER A 543 1.64 25.31 -14.96
N PRO A 544 0.34 25.55 -15.13
CA PRO A 544 -0.59 24.43 -15.35
C PRO A 544 -0.18 23.53 -16.50
N LYS A 545 0.25 24.09 -17.62
CA LYS A 545 0.60 23.31 -18.80
C LYS A 545 1.81 22.42 -18.55
N ARG A 546 2.62 22.76 -17.53
CA ARG A 546 3.85 22.03 -17.21
C ARG A 546 3.70 21.09 -16.00
N LEU A 547 2.49 20.99 -15.47
CA LEU A 547 2.24 20.26 -14.22
C LEU A 547 1.67 18.89 -14.54
N THR A 548 2.34 17.87 -14.01
CA THR A 548 1.87 16.49 -14.04
C THR A 548 1.41 16.10 -12.63
N ILE A 549 0.24 15.50 -12.54
CA ILE A 549 -0.17 14.86 -11.30
C ILE A 549 -0.22 13.34 -11.44
N ASN A 550 0.10 12.67 -10.35
CA ASN A 550 0.16 11.21 -10.32
C ASN A 550 -0.34 10.69 -8.98
N GLY A 551 -1.02 9.55 -9.05
CA GLY A 551 -1.42 8.80 -7.89
C GLY A 551 -1.76 7.40 -8.32
N GLY A 552 -1.76 6.49 -7.35
CA GLY A 552 -2.07 5.10 -7.60
C GLY A 552 -3.18 4.62 -6.70
N SER A 553 -4.07 3.80 -7.26
CA SER A 553 -5.11 3.12 -6.48
C SER A 553 -6.16 4.15 -6.01
N ASN A 554 -6.36 4.34 -4.71
CA ASN A 554 -7.14 5.48 -4.25
C ASN A 554 -6.52 6.82 -4.74
N GLY A 555 -5.20 6.85 -4.98
CA GLY A 555 -4.54 8.00 -5.60
C GLY A 555 -4.85 8.14 -7.09
N GLY A 556 -5.20 7.01 -7.74
CA GLY A 556 -5.68 7.04 -9.12
C GLY A 556 -7.04 7.69 -9.22
N LEU A 557 -7.92 7.37 -8.27
CA LEU A 557 -9.20 8.06 -8.10
C LEU A 557 -8.94 9.56 -7.92
N LEU A 558 -8.01 9.90 -7.03
CA LEU A 558 -7.66 11.29 -6.75
C LEU A 558 -7.36 12.05 -8.03
N VAL A 559 -6.41 11.56 -8.83
CA VAL A 559 -5.97 12.36 -9.97
C VAL A 559 -7.01 12.36 -11.10
N ALA A 560 -7.79 11.28 -11.21
CA ALA A 560 -8.87 11.20 -12.20
C ALA A 560 -10.00 12.19 -11.89
N ALA A 561 -10.40 12.26 -10.62
CA ALA A 561 -11.40 13.23 -10.20
C ALA A 561 -10.91 14.65 -10.41
N CYS A 562 -9.64 14.90 -10.11
CA CYS A 562 -9.08 16.23 -10.30
C CYS A 562 -9.05 16.63 -11.78
N ALA A 563 -8.78 15.67 -12.65
CA ALA A 563 -8.79 15.94 -14.09
C ALA A 563 -10.19 16.35 -14.55
N ASN A 564 -11.21 15.69 -14.04
CA ASN A 564 -12.59 16.03 -14.41
C ASN A 564 -13.00 17.39 -13.86
N GLN A 565 -12.59 17.67 -12.63
CA GLN A 565 -13.07 18.84 -11.90
C GLN A 565 -12.34 20.13 -12.27
N ARG A 566 -11.03 20.02 -12.50
CA ARG A 566 -10.19 21.17 -12.86
C ARG A 566 -9.22 20.79 -13.98
N PRO A 567 -9.75 20.48 -15.18
CA PRO A 567 -8.85 20.12 -16.26
C PRO A 567 -7.84 21.23 -16.62
N ASP A 568 -8.23 22.48 -16.35
CA ASP A 568 -7.38 23.64 -16.63
C ASP A 568 -6.12 23.73 -15.79
N LEU A 569 -6.10 23.01 -14.67
CA LEU A 569 -5.02 23.13 -13.70
C LEU A 569 -3.81 22.27 -14.04
N PHE A 570 -3.96 21.31 -14.96
CA PHE A 570 -2.97 20.27 -15.20
C PHE A 570 -2.63 20.13 -16.66
N GLY A 571 -1.41 19.71 -16.93
CA GLY A 571 -0.95 19.38 -18.28
C GLY A 571 -0.98 17.89 -18.56
N CYS A 572 -0.73 17.10 -17.51
CA CYS A 572 -0.57 15.65 -17.67
C CYS A 572 -1.04 14.96 -16.42
N VAL A 573 -1.71 13.83 -16.58
CA VAL A 573 -2.25 13.05 -15.47
C VAL A 573 -1.86 11.60 -15.72
N ILE A 574 -1.23 10.98 -14.72
CA ILE A 574 -0.96 9.55 -14.76
C ILE A 574 -1.66 8.90 -13.58
N ALA A 575 -2.66 8.09 -13.90
CA ALA A 575 -3.45 7.39 -12.88
C ALA A 575 -3.10 5.90 -12.93
N GLN A 576 -2.49 5.39 -11.88
CA GLN A 576 -2.11 4.00 -11.81
C GLN A 576 -3.19 3.23 -11.03
N VAL A 577 -3.59 2.08 -11.57
CA VAL A 577 -4.48 1.13 -10.90
C VAL A 577 -5.62 1.79 -10.11
N GLY A 578 -6.30 2.72 -10.76
CA GLY A 578 -7.25 3.60 -10.05
C GLY A 578 -8.64 3.06 -9.90
N VAL A 579 -9.31 3.49 -8.82
CA VAL A 579 -10.72 3.17 -8.62
C VAL A 579 -11.56 4.22 -9.32
N MET A 580 -12.18 3.86 -10.44
CA MET A 580 -12.84 4.85 -11.32
C MET A 580 -14.35 4.76 -11.36
N ASP A 581 -14.89 3.56 -11.16
CA ASP A 581 -16.34 3.40 -11.06
C ASP A 581 -16.74 3.34 -9.59
N MET A 582 -17.09 4.50 -9.04
CA MET A 582 -17.40 4.58 -7.61
C MET A 582 -18.79 4.07 -7.28
N LEU A 583 -19.60 3.79 -8.30
CA LEU A 583 -20.91 3.23 -8.08
C LEU A 583 -20.88 1.70 -8.00
N LYS A 584 -19.87 1.07 -8.60
CA LYS A 584 -19.80 -0.39 -8.65
C LYS A 584 -18.58 -1.00 -7.94
N PHE A 585 -17.70 -0.19 -7.36
CA PHE A 585 -16.44 -0.75 -6.85
C PHE A 585 -16.65 -1.88 -5.85
N HIS A 586 -17.73 -1.80 -5.08
CA HIS A 586 -17.95 -2.74 -3.99
C HIS A 586 -18.37 -4.14 -4.48
N LYS A 587 -18.67 -4.27 -5.77
CA LYS A 587 -19.13 -5.53 -6.35
C LYS A 587 -18.06 -6.58 -6.58
N TYR A 588 -16.79 -6.15 -6.61
CA TYR A 588 -15.70 -6.97 -7.12
C TYR A 588 -14.65 -7.25 -6.06
N THR A 589 -14.08 -8.45 -6.11
CA THR A 589 -13.03 -8.92 -5.20
C THR A 589 -13.17 -8.39 -3.78
N ILE A 590 -12.23 -7.55 -3.34
CA ILE A 590 -12.20 -7.05 -1.95
C ILE A 590 -12.80 -5.65 -1.84
N GLY A 591 -13.39 -5.16 -2.93
CA GLY A 591 -13.95 -3.81 -2.95
C GLY A 591 -14.96 -3.52 -1.86
N HIS A 592 -15.66 -4.54 -1.36
CA HIS A 592 -16.58 -4.34 -0.26
C HIS A 592 -15.94 -3.68 0.97
N ALA A 593 -14.63 -3.91 1.13
CA ALA A 593 -13.91 -3.42 2.30
C ALA A 593 -13.71 -1.92 2.25
N TRP A 594 -13.84 -1.30 1.07
CA TRP A 594 -13.50 0.13 0.93
C TRP A 594 -14.66 1.04 1.27
N THR A 595 -15.82 0.46 1.58
CA THR A 595 -17.01 1.29 1.86
C THR A 595 -16.87 2.10 3.15
N THR A 596 -15.93 1.71 4.00
CA THR A 596 -15.61 2.46 5.20
C THR A 596 -14.98 3.84 4.90
N ASP A 597 -14.30 3.97 3.75
CA ASP A 597 -13.78 5.26 3.30
C ASP A 597 -14.75 5.96 2.35
N TYR A 598 -15.41 5.20 1.48
CA TYR A 598 -16.14 5.81 0.37
C TYR A 598 -17.65 5.90 0.58
N GLY A 599 -18.19 5.02 1.41
CA GLY A 599 -19.62 4.72 1.36
C GLY A 599 -19.91 3.67 0.29
N CYS A 600 -21.18 3.37 0.09
CA CYS A 600 -21.61 2.37 -0.87
C CYS A 600 -22.88 2.86 -1.58
N SER A 601 -22.92 2.74 -2.91
CA SER A 601 -24.04 3.22 -3.72
C SER A 601 -25.37 2.54 -3.44
N ASP A 602 -25.35 1.41 -2.73
CA ASP A 602 -26.58 0.76 -2.26
C ASP A 602 -27.36 1.65 -1.30
N SER A 603 -26.68 2.61 -0.69
CA SER A 603 -27.33 3.58 0.19
C SER A 603 -27.69 4.84 -0.59
N LYS A 604 -28.94 5.29 -0.47
CA LYS A 604 -29.34 6.54 -1.12
C LYS A 604 -28.48 7.73 -0.70
N GLN A 605 -28.21 7.84 0.60
CA GLN A 605 -27.37 8.91 1.11
C GLN A 605 -25.96 8.89 0.46
N HIS A 606 -25.36 7.70 0.43
CA HIS A 606 -23.99 7.60 -0.04
C HIS A 606 -23.92 7.78 -1.55
N PHE A 607 -24.92 7.28 -2.27
CA PHE A 607 -24.97 7.47 -3.71
C PHE A 607 -24.84 8.96 -4.07
N GLU A 608 -25.54 9.81 -3.32
CA GLU A 608 -25.48 11.23 -3.62
C GLU A 608 -24.09 11.83 -3.42
N TRP A 609 -23.28 11.30 -2.51
CA TRP A 609 -21.87 11.71 -2.39
C TRP A 609 -21.07 11.20 -3.60
N LEU A 610 -21.20 9.89 -3.83
CA LEU A 610 -20.37 9.19 -4.80
C LEU A 610 -20.55 9.68 -6.23
N VAL A 611 -21.80 9.90 -6.62
CA VAL A 611 -22.10 10.29 -8.01
C VAL A 611 -21.50 11.64 -8.37
N LYS A 612 -21.24 12.49 -7.37
CA LYS A 612 -20.70 13.82 -7.63
C LYS A 612 -19.23 13.79 -8.05
N TYR A 613 -18.48 12.77 -7.62
CA TYR A 613 -17.05 12.73 -7.94
C TYR A 613 -16.57 11.45 -8.65
N SER A 614 -17.42 10.45 -8.76
CA SER A 614 -17.05 9.21 -9.46
C SER A 614 -16.43 9.49 -10.80
N PRO A 615 -15.14 9.15 -11.01
CA PRO A 615 -14.53 9.58 -12.29
C PRO A 615 -15.30 9.14 -13.54
N LEU A 616 -15.77 7.89 -13.54
CA LEU A 616 -16.48 7.33 -14.69
C LEU A 616 -17.74 8.11 -15.02
N HIS A 617 -18.31 8.79 -14.02
CA HIS A 617 -19.61 9.46 -14.18
C HIS A 617 -19.52 10.97 -14.27
N ASN A 618 -18.31 11.50 -14.37
CA ASN A 618 -18.11 12.94 -14.40
C ASN A 618 -17.16 13.39 -15.51
N VAL A 619 -17.08 12.58 -16.57
CA VAL A 619 -16.34 12.99 -17.77
C VAL A 619 -17.24 13.95 -18.52
N LYS A 620 -16.76 15.17 -18.74
CA LYS A 620 -17.57 16.23 -19.35
C LYS A 620 -16.66 17.17 -20.09
N LEU A 621 -17.00 17.49 -21.34
CA LEU A 621 -16.24 18.51 -22.06
C LEU A 621 -16.15 19.80 -21.26
N PRO A 622 -14.94 20.37 -21.11
CA PRO A 622 -14.87 21.69 -20.49
C PRO A 622 -15.72 22.72 -21.25
N GLU A 623 -16.43 23.58 -20.51
CA GLU A 623 -17.32 24.56 -21.12
C GLU A 623 -16.52 25.55 -22.00
N ALA A 624 -15.39 26.00 -21.48
CA ALA A 624 -14.61 27.05 -22.14
C ALA A 624 -13.88 26.54 -23.38
N ASP A 625 -13.94 27.32 -24.46
CA ASP A 625 -13.26 26.93 -25.69
C ASP A 625 -11.74 26.79 -25.53
N ASP A 626 -11.15 27.55 -24.61
CA ASP A 626 -9.70 27.53 -24.39
C ASP A 626 -9.22 26.44 -23.42
N ILE A 627 -10.15 25.60 -22.96
CA ILE A 627 -9.80 24.51 -22.03
C ILE A 627 -10.10 23.14 -22.65
N GLN A 628 -9.10 22.27 -22.63
CA GLN A 628 -9.27 20.88 -23.01
C GLN A 628 -8.87 20.02 -21.82
N TYR A 629 -9.06 18.71 -21.91
CA TYR A 629 -8.55 17.83 -20.86
C TYR A 629 -7.03 17.75 -20.95
N PRO A 630 -6.38 17.51 -19.82
CA PRO A 630 -4.94 17.24 -19.84
C PRO A 630 -4.65 15.95 -20.57
N SER A 631 -3.41 15.75 -20.98
CA SER A 631 -2.98 14.43 -21.42
C SER A 631 -3.20 13.46 -20.26
N MET A 632 -3.73 12.28 -20.56
CA MET A 632 -3.97 11.29 -19.52
C MET A 632 -3.46 9.93 -19.91
N LEU A 633 -2.81 9.26 -18.95
CA LEU A 633 -2.35 7.88 -19.11
C LEU A 633 -2.84 7.08 -17.92
N LEU A 634 -3.62 6.03 -18.18
CA LEU A 634 -4.04 5.08 -17.15
C LEU A 634 -3.16 3.86 -17.28
N LEU A 635 -2.62 3.39 -16.16
CA LEU A 635 -1.81 2.18 -16.13
C LEU A 635 -2.50 1.14 -15.25
N THR A 636 -2.75 -0.04 -15.81
CA THR A 636 -3.26 -1.15 -15.01
C THR A 636 -2.65 -2.44 -15.52
N ALA A 637 -3.13 -3.57 -14.99
CA ALA A 637 -2.57 -4.88 -15.34
C ALA A 637 -3.64 -5.96 -15.21
N ASP A 638 -3.44 -7.04 -15.95
CA ASP A 638 -4.47 -8.04 -16.09
C ASP A 638 -4.67 -8.96 -14.89
N HIS A 639 -3.76 -8.92 -13.92
CA HIS A 639 -3.96 -9.64 -12.65
C HIS A 639 -4.08 -8.68 -11.47
N ASP A 640 -4.50 -7.44 -11.72
CA ASP A 640 -4.81 -6.54 -10.60
C ASP A 640 -6.16 -6.92 -10.05
N ASP A 641 -6.14 -7.87 -9.12
CA ASP A 641 -7.35 -8.28 -8.45
C ASP A 641 -7.65 -7.49 -7.19
N ARG A 642 -6.80 -6.50 -6.89
CA ARG A 642 -7.10 -5.57 -5.79
C ARG A 642 -8.10 -4.54 -6.29
N VAL A 643 -7.73 -3.82 -7.36
CA VAL A 643 -8.61 -2.91 -8.08
C VAL A 643 -8.81 -3.48 -9.49
N VAL A 644 -9.92 -4.17 -9.72
CA VAL A 644 -10.10 -4.87 -10.98
C VAL A 644 -9.98 -3.89 -12.16
N PRO A 645 -9.27 -4.32 -13.21
CA PRO A 645 -8.91 -3.39 -14.30
C PRO A 645 -10.07 -2.82 -15.11
N LEU A 646 -11.25 -3.44 -15.01
CA LEU A 646 -12.45 -2.86 -15.61
C LEU A 646 -12.63 -1.39 -15.24
N HIS A 647 -12.17 -0.98 -14.04
CA HIS A 647 -12.26 0.43 -13.66
C HIS A 647 -11.59 1.33 -14.70
N SER A 648 -10.34 1.00 -15.02
CA SER A 648 -9.60 1.76 -16.02
C SER A 648 -10.13 1.56 -17.43
N LEU A 649 -10.55 0.34 -17.76
CA LEU A 649 -11.09 0.09 -19.11
C LEU A 649 -12.32 0.96 -19.39
N LYS A 650 -13.27 0.96 -18.47
CA LYS A 650 -14.49 1.75 -18.65
C LYS A 650 -14.18 3.24 -18.68
N PHE A 651 -13.26 3.69 -17.82
CA PHE A 651 -12.92 5.11 -17.75
C PHE A 651 -12.28 5.59 -19.06
N ILE A 652 -11.34 4.83 -19.61
CA ILE A 652 -10.66 5.26 -20.83
C ILE A 652 -11.62 5.23 -22.03
N ALA A 653 -12.53 4.25 -22.08
CA ALA A 653 -13.55 4.22 -23.16
C ALA A 653 -14.36 5.50 -23.13
N THR A 654 -14.75 5.91 -21.92
CA THR A 654 -15.58 7.09 -21.72
C THR A 654 -14.82 8.37 -22.07
N LEU A 655 -13.58 8.47 -21.60
CA LEU A 655 -12.71 9.62 -21.94
C LEU A 655 -12.57 9.77 -23.45
N GLN A 656 -12.26 8.66 -24.13
CA GLN A 656 -11.99 8.74 -25.57
C GLN A 656 -13.24 9.10 -26.36
N TYR A 657 -14.39 8.63 -25.91
CA TYR A 657 -15.63 8.94 -26.60
C TYR A 657 -16.12 10.37 -26.35
N ILE A 658 -16.24 10.74 -25.09
CA ILE A 658 -16.78 12.05 -24.75
C ILE A 658 -15.82 13.19 -25.04
N VAL A 659 -14.56 13.02 -24.66
CA VAL A 659 -13.57 14.09 -24.78
C VAL A 659 -12.67 13.90 -26.01
N GLY A 660 -12.22 12.67 -26.25
CA GLY A 660 -11.32 12.40 -27.37
C GLY A 660 -11.89 12.75 -28.73
N ARG A 661 -13.20 12.61 -28.90
CA ARG A 661 -13.85 12.96 -30.18
C ARG A 661 -13.97 14.46 -30.41
N SER A 662 -13.78 15.28 -29.37
CA SER A 662 -13.98 16.72 -29.56
C SER A 662 -12.85 17.34 -30.38
N ARG A 663 -13.21 18.27 -31.26
CA ARG A 663 -12.22 18.88 -32.14
C ARG A 663 -11.14 19.62 -31.36
N LYS A 664 -11.49 20.22 -30.21
CA LYS A 664 -10.49 20.98 -29.44
C LYS A 664 -9.52 20.10 -28.65
N GLN A 665 -9.84 18.82 -28.52
CA GLN A 665 -9.00 17.92 -27.73
C GLN A 665 -7.83 17.46 -28.58
N ASN A 666 -6.63 17.93 -28.24
CA ASN A 666 -5.42 17.46 -28.90
C ASN A 666 -4.51 16.64 -28.00
N ASN A 667 -4.72 16.73 -26.69
CA ASN A 667 -3.94 15.94 -25.74
C ASN A 667 -4.44 14.50 -25.76
N PRO A 668 -3.51 13.52 -25.76
CA PRO A 668 -3.89 12.11 -25.81
C PRO A 668 -4.47 11.58 -24.50
N LEU A 669 -5.33 10.58 -24.65
CA LEU A 669 -6.02 9.91 -23.55
C LEU A 669 -5.83 8.41 -23.77
N LEU A 670 -4.90 7.82 -23.02
CA LEU A 670 -4.36 6.49 -23.31
C LEU A 670 -4.42 5.57 -22.10
N ILE A 671 -4.47 4.27 -22.38
CA ILE A 671 -4.32 3.25 -21.34
C ILE A 671 -3.25 2.24 -21.75
N HIS A 672 -2.55 1.71 -20.77
CA HIS A 672 -1.72 0.52 -20.99
C HIS A 672 -2.12 -0.53 -19.97
N VAL A 673 -2.36 -1.74 -20.46
CA VAL A 673 -2.67 -2.90 -19.60
C VAL A 673 -1.53 -3.91 -19.69
N ASP A 674 -0.75 -4.04 -18.62
CA ASP A 674 0.38 -4.94 -18.61
C ASP A 674 -0.09 -6.38 -18.38
N THR A 675 0.77 -7.33 -18.74
CA THR A 675 0.54 -8.73 -18.46
C THR A 675 1.43 -9.23 -17.32
N LYS A 676 0.99 -10.33 -16.70
CA LYS A 676 1.72 -10.99 -15.62
C LYS A 676 2.07 -10.03 -14.48
N ALA A 677 1.14 -9.12 -14.24
CA ALA A 677 1.31 -8.12 -13.19
C ALA A 677 -0.04 -7.78 -12.60
N GLY A 678 0.01 -7.20 -11.40
CA GLY A 678 -1.19 -6.91 -10.63
C GLY A 678 -1.17 -5.52 -10.05
N HIS A 679 -1.69 -5.39 -8.83
CA HIS A 679 -1.84 -4.07 -8.24
C HIS A 679 -0.51 -3.34 -8.00
N GLY A 680 0.56 -4.10 -7.74
CA GLY A 680 1.90 -3.54 -7.62
C GLY A 680 2.82 -4.29 -6.68
N ALA A 681 2.28 -4.84 -5.60
CA ALA A 681 3.10 -5.59 -4.66
C ALA A 681 3.77 -6.75 -5.37
N GLY A 682 5.07 -6.88 -5.15
CA GLY A 682 5.82 -7.98 -5.71
C GLY A 682 6.20 -7.83 -7.17
N LYS A 683 5.94 -6.67 -7.77
CA LYS A 683 6.30 -6.47 -9.17
C LYS A 683 7.82 -6.59 -9.35
N PRO A 684 8.26 -7.39 -10.35
CA PRO A 684 9.70 -7.53 -10.56
C PRO A 684 10.37 -6.25 -11.00
N THR A 685 11.62 -6.10 -10.61
CA THR A 685 12.45 -4.97 -11.00
C THR A 685 12.34 -4.62 -12.48
N ALA A 686 12.42 -5.60 -13.36
CA ALA A 686 12.37 -5.31 -14.80
C ALA A 686 11.08 -4.57 -15.17
N LYS A 687 9.96 -4.99 -14.60
CA LYS A 687 8.67 -4.33 -14.87
C LYS A 687 8.59 -2.96 -14.25
N VAL A 688 9.16 -2.78 -13.06
CA VAL A 688 9.20 -1.45 -12.43
C VAL A 688 9.96 -0.48 -13.33
N ILE A 689 11.10 -0.92 -13.87
CA ILE A 689 11.90 -0.06 -14.75
C ILE A 689 11.11 0.32 -16.01
N GLU A 690 10.43 -0.64 -16.62
CA GLU A 690 9.60 -0.35 -17.79
C GLU A 690 8.48 0.63 -17.45
N GLU A 691 7.85 0.45 -16.30
CA GLU A 691 6.72 1.31 -15.90
C GLU A 691 7.16 2.75 -15.71
N VAL A 692 8.24 2.99 -15.00
CA VAL A 692 8.68 4.37 -14.75
C VAL A 692 9.16 5.00 -16.07
N SER A 693 9.75 4.19 -16.94
CA SER A 693 10.18 4.69 -18.25
C SER A 693 8.97 5.13 -19.07
N ASP A 694 7.90 4.34 -19.02
CA ASP A 694 6.63 4.69 -19.66
C ASP A 694 6.07 6.01 -19.10
N MET A 695 6.06 6.13 -17.78
CA MET A 695 5.51 7.31 -17.12
C MET A 695 6.25 8.56 -17.55
N PHE A 696 7.58 8.54 -17.44
CA PHE A 696 8.34 9.75 -17.77
C PHE A 696 8.48 10.00 -19.27
N ALA A 697 8.35 8.96 -20.08
CA ALA A 697 8.22 9.17 -21.53
C ALA A 697 6.91 9.85 -21.87
N PHE A 698 5.84 9.48 -21.18
CA PHE A 698 4.55 10.11 -21.41
C PHE A 698 4.65 11.60 -21.10
N ILE A 699 5.20 11.93 -19.94
CA ILE A 699 5.37 13.33 -19.55
C ILE A 699 6.26 14.06 -20.59
N ALA A 700 7.39 13.46 -20.93
CA ALA A 700 8.33 14.07 -21.87
C ALA A 700 7.67 14.38 -23.21
N ARG A 701 6.95 13.40 -23.75
CA ARG A 701 6.34 13.60 -25.05
C ARG A 701 5.21 14.61 -24.97
N CYS A 702 4.34 14.48 -23.98
CA CYS A 702 3.17 15.35 -23.91
C CYS A 702 3.52 16.80 -23.60
N LEU A 703 4.54 17.03 -22.79
CA LEU A 703 4.93 18.38 -22.40
C LEU A 703 6.15 18.87 -23.21
N ASN A 704 6.63 18.03 -24.14
CA ASN A 704 7.82 18.33 -24.94
C ASN A 704 9.00 18.75 -24.08
N VAL A 705 9.31 17.92 -23.09
CA VAL A 705 10.43 18.16 -22.19
C VAL A 705 11.71 17.57 -22.78
N ASP A 706 12.78 18.38 -22.82
CA ASP A 706 14.11 17.93 -23.25
C ASP A 706 14.81 17.13 -22.16
N TRP A 707 15.61 16.15 -22.58
CA TRP A 707 16.56 15.48 -21.70
C TRP A 707 17.74 16.40 -21.48
N ILE A 708 18.18 16.50 -20.23
CA ILE A 708 19.36 17.23 -19.83
C ILE A 708 20.43 16.21 -19.51
N PRO A 709 21.45 16.07 -20.37
CA PRO A 709 22.46 15.03 -20.15
C PRO A 709 23.17 15.11 -18.81
#